data_5MBJ
#
_entry.id   5MBJ
#
_cell.length_a   47.660
_cell.length_b   57.070
_cell.length_c   71.310
_cell.angle_alpha   82.420
_cell.angle_beta   75.790
_cell.angle_gamma   76.880
#
_symmetry.space_group_name_H-M   'P 1'
#
loop_
_entity.id
_entity.type
_entity.pdbx_description
1 polymer 'Beta subunit of photoactivated adenylyl cyclase'
2 non-polymer 'FLAVIN MONONUCLEOTIDE'
3 water water
#
_entity_poly.entity_id   1
_entity_poly.type   'polypeptide(L)'
_entity_poly.pdbx_seq_one_letter_code
;GSHMMKRLVYVSKISGHLSLEEIQRIGKVSIKNNQRDNITGVLLYLQGLFFQILEGENEKVDKLYKKILVDDRHTNILCL
KTEYDITDRMFPNWAMKTINLNENSELMIQPIKSLLQTVTQSHRVLEKYMPARVIYLINQGINPLTVEPQLVEKIIFFSD
ILAFSTLTEKLPVNEVVILVNRYFSICTRIISAYGGEVTKFIGDCVMASFTKEQGDAAIRTSLDIISELKQLRHHVEATN
PLHLLYTGIGLSYGHVIEGNMGSSLKMDHTLLGDAVNVAARLEALTRQLPYALAFTAGVKKCCQAQWTFINLGAHQVKGK
QEAIEVYTVNEAQKYYDTLQITQLIRQTLENDK
;
_entity_poly.pdbx_strand_id   A,B
#
loop_
_chem_comp.id
_chem_comp.type
_chem_comp.name
_chem_comp.formula
FMN non-polymer 'FLAVIN MONONUCLEOTIDE' 'C17 H21 N4 O9 P'
#
# COMPACT_ATOMS: atom_id res chain seq x y z
N MET A 5 30.54 16.09 -9.40
CA MET A 5 29.39 16.86 -8.94
C MET A 5 28.03 16.13 -8.98
N LYS A 6 27.02 16.67 -8.32
CA LYS A 6 25.73 15.99 -8.21
C LYS A 6 24.47 16.83 -8.32
N ARG A 7 23.37 16.11 -8.55
CA ARG A 7 22.09 16.74 -8.73
C ARG A 7 21.02 15.95 -7.99
N LEU A 8 20.27 16.64 -7.16
CA LEU A 8 19.15 16.07 -6.41
C LEU A 8 17.91 16.97 -6.46
N VAL A 9 16.74 16.37 -6.20
CA VAL A 9 15.45 17.01 -6.36
C VAL A 9 14.48 16.50 -5.31
N TYR A 10 13.77 17.40 -4.65
CA TYR A 10 12.88 16.97 -3.57
C TYR A 10 11.62 17.84 -3.54
N VAL A 11 10.57 17.31 -2.92
CA VAL A 11 9.40 18.10 -2.56
C VAL A 11 9.30 18.20 -1.04
N SER A 12 8.59 19.22 -0.57
CA SER A 12 8.27 19.33 0.85
C SER A 12 6.95 20.07 1.00
N LYS A 13 6.28 19.86 2.14
CA LYS A 13 5.14 20.67 2.55
C LYS A 13 5.60 21.81 3.47
N ILE A 14 5.17 23.04 3.16
CA ILE A 14 5.36 24.18 4.05
C ILE A 14 4.86 23.86 5.45
N SER A 15 5.32 24.62 6.44
CA SER A 15 4.75 24.47 7.76
C SER A 15 4.22 25.80 8.30
N LEU A 20 4.47 34.76 2.61
CA LEU A 20 4.80 35.41 1.34
C LEU A 20 6.13 36.08 1.44
N GLU A 21 6.20 36.95 2.43
CA GLU A 21 7.37 37.80 2.54
C GLU A 21 8.57 37.00 3.04
N GLU A 22 8.37 35.97 3.87
CA GLU A 22 9.56 35.21 4.26
C GLU A 22 9.91 34.12 3.25
N ILE A 23 8.99 33.75 2.34
CA ILE A 23 9.39 32.88 1.24
C ILE A 23 10.61 33.48 0.54
N GLN A 24 10.53 34.76 0.22
CA GLN A 24 11.62 35.34 -0.54
C GLN A 24 12.88 35.60 0.29
N ARG A 25 12.80 35.57 1.63
CA ARG A 25 14.06 35.63 2.39
C ARG A 25 14.81 34.31 2.29
N ILE A 26 14.08 33.19 2.32
CA ILE A 26 14.69 31.92 1.96
C ILE A 26 15.40 32.06 0.62
N GLY A 27 14.68 32.62 -0.35
CA GLY A 27 15.31 33.09 -1.56
C GLY A 27 16.58 33.83 -1.25
N LYS A 28 16.49 34.92 -0.48
CA LYS A 28 17.63 35.80 -0.28
C LYS A 28 18.85 35.04 0.21
N VAL A 29 18.72 34.36 1.36
CA VAL A 29 19.91 33.77 1.98
C VAL A 29 20.43 32.56 1.20
N SER A 30 19.55 31.81 0.52
CA SER A 30 20.08 30.75 -0.32
C SER A 30 20.84 31.34 -1.49
N ILE A 31 20.21 32.30 -2.19
CA ILE A 31 20.80 33.08 -3.27
C ILE A 31 22.15 33.63 -2.84
N LYS A 32 22.40 33.71 -1.51
CA LYS A 32 23.67 34.23 -0.99
C LYS A 32 24.55 33.18 -0.32
N ASN A 33 23.98 32.21 0.42
CA ASN A 33 24.82 31.17 0.99
C ASN A 33 25.21 30.12 -0.05
N ASN A 34 24.40 29.96 -1.10
CA ASN A 34 24.61 28.86 -2.04
C ASN A 34 25.86 29.11 -2.89
N GLN A 35 25.87 30.17 -3.69
CA GLN A 35 26.97 30.38 -4.62
C GLN A 35 28.34 30.37 -3.93
N ARG A 36 28.43 30.87 -2.69
CA ARG A 36 29.72 30.80 -2.01
C ARG A 36 30.11 29.34 -1.74
N ASP A 37 29.11 28.46 -1.57
CA ASP A 37 29.37 27.02 -1.56
C ASP A 37 29.46 26.43 -2.96
N ASN A 38 29.22 27.24 -4.01
CA ASN A 38 29.37 26.88 -5.43
C ASN A 38 28.26 25.92 -5.90
N ILE A 39 27.00 26.30 -5.62
CA ILE A 39 25.87 25.50 -6.08
C ILE A 39 24.84 26.40 -6.77
N THR A 40 24.11 25.77 -7.69
CA THR A 40 23.09 26.43 -8.48
C THR A 40 21.80 25.63 -8.34
N GLY A 41 20.69 26.19 -8.79
CA GLY A 41 19.44 25.48 -8.65
C GLY A 41 18.26 26.42 -8.71
N VAL A 42 17.07 25.81 -8.59
CA VAL A 42 15.80 26.52 -8.70
CA VAL A 42 15.80 26.50 -8.71
C VAL A 42 14.91 26.12 -7.54
N LEU A 43 14.15 27.09 -7.03
CA LEU A 43 13.22 26.86 -5.93
C LEU A 43 11.83 27.26 -6.40
N LEU A 44 10.90 26.31 -6.47
CA LEU A 44 9.54 26.58 -6.92
CA LEU A 44 9.55 26.61 -6.92
C LEU A 44 8.58 26.49 -5.75
N TYR A 45 7.70 27.46 -5.65
CA TYR A 45 6.65 27.42 -4.64
C TYR A 45 5.31 27.31 -5.35
N LEU A 46 4.49 26.39 -4.91
CA LEU A 46 3.18 26.22 -5.46
C LEU A 46 2.24 25.68 -4.42
N GLN A 47 1.24 26.45 -4.05
CA GLN A 47 0.23 25.97 -3.11
C GLN A 47 0.69 25.20 -1.88
N GLY A 48 1.57 25.76 -1.09
CA GLY A 48 2.02 25.09 0.11
C GLY A 48 3.03 24.01 -0.12
N LEU A 49 3.56 23.96 -1.33
CA LEU A 49 4.54 22.93 -1.65
C LEU A 49 5.80 23.55 -2.23
N PHE A 50 6.94 23.02 -1.85
CA PHE A 50 8.22 23.43 -2.36
C PHE A 50 8.87 22.35 -3.21
N PHE A 51 9.50 22.74 -4.31
CA PHE A 51 10.26 21.83 -5.14
C PHE A 51 11.61 22.52 -5.25
N GLN A 52 12.71 21.81 -5.06
CA GLN A 52 14.03 22.43 -5.18
C GLN A 52 15.00 21.52 -5.91
N ILE A 53 15.88 22.14 -6.68
CA ILE A 53 16.98 21.50 -7.39
C ILE A 53 18.26 22.21 -6.97
N LEU A 54 19.29 21.46 -6.56
CA LEU A 54 20.50 22.07 -5.97
C LEU A 54 21.77 21.44 -6.53
N GLU A 55 22.58 22.13 -7.36
CA GLU A 55 23.68 21.47 -8.06
C GLU A 55 25.06 22.02 -7.75
N GLY A 56 25.94 21.14 -7.34
CA GLY A 56 27.28 21.52 -6.97
C GLY A 56 28.19 20.34 -6.75
N GLU A 57 29.38 20.65 -6.27
CA GLU A 57 30.38 19.66 -5.96
C GLU A 57 29.73 18.84 -4.89
N ASN A 58 30.00 17.55 -4.89
CA ASN A 58 29.34 16.64 -3.98
C ASN A 58 29.43 16.81 -2.49
N GLU A 59 30.56 17.19 -1.91
CA GLU A 59 30.48 17.23 -0.45
C GLU A 59 29.65 18.41 0.06
N LYS A 60 29.67 19.54 -0.65
CA LYS A 60 29.00 20.75 -0.17
C LYS A 60 27.48 20.66 -0.27
N VAL A 61 26.91 20.20 -1.39
CA VAL A 61 25.45 20.23 -1.41
C VAL A 61 24.89 19.09 -0.54
N ASP A 62 25.73 18.16 -0.07
CA ASP A 62 25.15 17.29 0.96
C ASP A 62 25.00 18.02 2.29
N LYS A 63 26.02 18.73 2.73
CA LYS A 63 25.88 19.46 4.00
C LYS A 63 24.75 20.47 3.93
N LEU A 64 24.49 21.06 2.76
CA LEU A 64 23.32 21.91 2.59
C LEU A 64 22.04 21.11 2.67
N TYR A 65 22.01 19.93 2.04
CA TYR A 65 20.79 19.15 2.09
C TYR A 65 20.45 18.78 3.52
N LYS A 66 21.44 18.60 4.36
CA LYS A 66 21.04 18.23 5.70
C LYS A 66 20.65 19.46 6.52
N LYS A 67 21.41 20.55 6.45
CA LYS A 67 20.90 21.76 7.08
C LYS A 67 19.47 22.09 6.61
N ILE A 68 19.08 21.60 5.42
CA ILE A 68 17.72 21.83 4.94
C ILE A 68 16.75 20.79 5.49
N LEU A 69 17.17 19.53 5.65
CA LEU A 69 16.20 18.57 6.17
C LEU A 69 15.65 19.06 7.51
N VAL A 70 16.52 19.56 8.38
CA VAL A 70 16.14 20.06 9.69
C VAL A 70 15.73 21.54 9.65
N ASP A 71 15.55 22.13 8.47
CA ASP A 71 15.09 23.51 8.46
C ASP A 71 13.60 23.52 8.81
N ASP A 72 13.24 24.32 9.82
CA ASP A 72 11.93 24.19 10.47
C ASP A 72 10.76 24.72 9.64
N ARG A 73 10.95 25.29 8.46
CA ARG A 73 9.78 25.91 7.83
C ARG A 73 9.20 25.06 6.71
N HIS A 74 9.75 23.88 6.45
CA HIS A 74 9.02 22.87 5.69
C HIS A 74 9.12 21.51 6.39
N THR A 75 8.38 20.55 5.85
CA THR A 75 8.19 19.24 6.45
C THR A 75 7.75 18.32 5.31
N ASN A 76 7.63 17.01 5.60
CA ASN A 76 7.29 16.00 4.60
CA ASN A 76 7.27 16.03 4.57
C ASN A 76 8.22 16.11 3.38
N ILE A 77 9.51 16.08 3.65
CA ILE A 77 10.52 16.19 2.60
C ILE A 77 10.69 14.82 1.95
N LEU A 78 10.57 14.77 0.62
CA LEU A 78 10.90 13.56 -0.11
C LEU A 78 11.86 13.94 -1.23
N CYS A 79 13.01 13.26 -1.29
CA CYS A 79 13.95 13.45 -2.38
C CYS A 79 13.57 12.46 -3.49
N LEU A 80 13.15 13.00 -4.63
CA LEU A 80 12.66 12.17 -5.72
C LEU A 80 13.80 11.57 -6.51
N LYS A 81 14.63 12.45 -7.05
CA LYS A 81 15.72 12.03 -7.90
C LYS A 81 17.07 12.49 -7.37
N THR A 82 18.04 11.61 -7.55
CA THR A 82 19.41 11.85 -7.12
C THR A 82 20.30 11.44 -8.29
N GLU A 83 20.88 12.44 -8.98
CA GLU A 83 21.81 12.21 -10.09
C GLU A 83 23.25 12.38 -9.60
N TYR A 84 24.11 11.43 -9.96
CA TYR A 84 25.50 11.41 -9.52
C TYR A 84 26.42 11.70 -10.69
N ASP A 85 27.49 12.46 -10.41
CA ASP A 85 28.56 12.71 -11.38
C ASP A 85 28.01 13.31 -12.67
N ILE A 86 27.24 14.40 -12.52
CA ILE A 86 26.68 15.09 -13.69
C ILE A 86 27.84 15.64 -14.55
N THR A 87 27.56 15.79 -15.85
CA THR A 87 28.56 16.28 -16.81
C THR A 87 28.57 17.81 -16.88
N ASP A 88 27.38 18.42 -16.86
CA ASP A 88 27.21 19.87 -16.84
C ASP A 88 26.13 20.22 -15.81
N ARG A 89 25.83 21.51 -15.69
CA ARG A 89 24.79 21.98 -14.79
C ARG A 89 23.60 22.51 -15.56
N MET A 90 22.43 22.21 -15.04
CA MET A 90 21.16 22.65 -15.62
C MET A 90 20.95 24.16 -15.53
N PHE A 91 21.34 24.74 -14.41
CA PHE A 91 21.16 26.17 -14.21
C PHE A 91 22.48 26.76 -13.78
N PRO A 92 23.42 26.88 -14.79
CA PRO A 92 24.72 27.39 -14.36
C PRO A 92 24.75 28.85 -13.97
N ASN A 93 23.72 29.61 -14.28
CA ASN A 93 23.71 31.04 -13.95
C ASN A 93 22.82 31.38 -12.75
N TRP A 94 22.42 30.40 -11.95
CA TRP A 94 21.44 30.63 -10.87
C TRP A 94 21.90 30.06 -9.53
N ALA A 95 22.54 30.89 -8.71
CA ALA A 95 22.91 30.49 -7.35
C ALA A 95 21.75 29.80 -6.65
N MET A 96 20.55 30.38 -6.76
CA MET A 96 19.27 29.72 -6.52
C MET A 96 18.12 30.61 -7.00
N LYS A 97 17.43 30.21 -8.06
CA LYS A 97 16.37 31.05 -8.63
C LYS A 97 15.03 30.74 -8.04
N THR A 98 14.42 31.71 -7.38
CA THR A 98 13.14 31.43 -6.74
C THR A 98 11.99 31.75 -7.69
N ILE A 99 11.00 30.85 -7.73
CA ILE A 99 9.83 30.98 -8.60
C ILE A 99 8.57 30.66 -7.79
N ASN A 100 7.58 31.56 -7.80
CA ASN A 100 6.32 31.37 -7.09
C ASN A 100 5.19 31.31 -8.10
N LEU A 101 4.72 30.09 -8.38
CA LEU A 101 3.78 29.89 -9.47
C LEU A 101 2.37 30.34 -9.13
N ASN A 102 1.99 30.32 -7.85
CA ASN A 102 0.69 30.84 -7.43
C ASN A 102 0.38 32.19 -8.03
N GLU A 103 1.39 33.02 -8.24
CA GLU A 103 1.22 34.38 -8.72
C GLU A 103 1.66 34.57 -10.16
N ASN A 104 1.64 33.51 -10.96
CA ASN A 104 1.90 33.65 -12.38
C ASN A 104 0.51 33.78 -13.01
N SER A 105 0.01 35.02 -13.03
CA SER A 105 -1.30 35.28 -13.60
C SER A 105 -1.40 34.79 -15.04
N GLU A 106 -0.26 34.75 -15.74
CA GLU A 106 -0.26 34.42 -17.15
C GLU A 106 -0.94 33.08 -17.39
N LEU A 107 -2.08 33.12 -18.08
CA LEU A 107 -2.82 31.91 -18.44
C LEU A 107 -1.99 31.01 -19.34
N MET A 108 -0.94 31.55 -20.00
CA MET A 108 -0.23 30.77 -21.00
C MET A 108 0.52 29.60 -20.39
N ILE A 109 1.14 29.81 -19.23
CA ILE A 109 1.74 28.69 -18.51
C ILE A 109 0.75 28.00 -17.59
N GLN A 110 -0.47 28.51 -17.48
CA GLN A 110 -1.43 27.96 -16.54
C GLN A 110 -1.78 26.50 -16.84
N PRO A 111 -1.84 26.05 -18.10
CA PRO A 111 -2.07 24.61 -18.30
C PRO A 111 -0.98 23.77 -17.64
N ILE A 112 0.28 24.16 -17.81
CA ILE A 112 1.28 23.33 -17.18
C ILE A 112 1.43 23.63 -15.69
N LYS A 113 1.07 24.82 -15.24
CA LYS A 113 0.96 24.98 -13.79
C LYS A 113 -0.18 24.14 -13.23
N SER A 114 -1.21 23.88 -14.03
CA SER A 114 -2.32 23.10 -13.50
C SER A 114 -2.01 21.62 -13.48
N LEU A 115 -1.19 21.16 -14.42
CA LEU A 115 -0.83 19.75 -14.44
C LEU A 115 0.30 19.43 -13.47
N LEU A 116 1.20 20.38 -13.22
CA LEU A 116 2.17 20.14 -12.15
C LEU A 116 1.49 20.11 -10.80
N GLN A 117 0.46 20.92 -10.60
CA GLN A 117 -0.13 20.93 -9.27
C GLN A 117 -0.97 19.69 -9.04
N THR A 118 -1.66 19.22 -10.07
CA THR A 118 -2.43 17.99 -9.95
C THR A 118 -1.54 16.80 -9.68
N VAL A 119 -0.48 16.64 -10.45
CA VAL A 119 0.32 15.43 -10.32
C VAL A 119 0.96 15.34 -8.95
N THR A 120 1.73 16.35 -8.58
CA THR A 120 2.38 16.25 -7.27
C THR A 120 1.37 16.10 -6.14
N GLN A 121 0.27 16.87 -6.16
CA GLN A 121 -0.79 16.66 -5.20
C GLN A 121 -1.20 15.20 -5.13
N SER A 122 -1.38 14.57 -6.29
CA SER A 122 -1.60 13.12 -6.30
C SER A 122 -0.40 12.40 -5.67
N HIS A 123 0.80 12.64 -6.21
CA HIS A 123 2.02 12.04 -5.68
C HIS A 123 2.02 12.04 -4.16
N ARG A 124 1.82 13.20 -3.54
CA ARG A 124 1.92 13.24 -2.09
C ARG A 124 0.85 12.39 -1.41
N VAL A 125 -0.26 12.13 -2.07
CA VAL A 125 -1.23 11.20 -1.52
C VAL A 125 -0.74 9.77 -1.69
N LEU A 126 -0.18 9.44 -2.86
CA LEU A 126 0.27 8.06 -3.01
C LEU A 126 1.42 7.74 -2.06
N GLU A 127 2.33 8.68 -1.83
CA GLU A 127 3.38 8.52 -0.81
C GLU A 127 2.87 7.88 0.47
N LYS A 128 1.71 8.33 0.94
CA LYS A 128 1.21 7.89 2.24
C LYS A 128 0.74 6.46 2.21
N TYR A 129 0.70 5.85 1.04
CA TYR A 129 0.28 4.48 0.90
C TYR A 129 1.43 3.54 0.69
N MET A 130 2.61 4.06 0.41
CA MET A 130 3.73 3.24 0.07
C MET A 130 4.28 2.48 1.28
N PRO A 131 4.82 1.27 1.06
CA PRO A 131 5.72 0.68 2.08
C PRO A 131 6.85 1.64 2.43
N ALA A 132 7.07 1.83 3.72
CA ALA A 132 8.13 2.72 4.18
C ALA A 132 9.45 2.37 3.56
N ARG A 133 9.66 1.09 3.26
CA ARG A 133 10.92 0.72 2.62
C ARG A 133 11.03 1.32 1.23
N VAL A 134 9.92 1.47 0.50
CA VAL A 134 10.17 1.96 -0.85
C VAL A 134 10.29 3.48 -0.88
N ILE A 135 9.64 4.16 0.06
CA ILE A 135 9.93 5.56 0.28
C ILE A 135 11.39 5.75 0.70
N TYR A 136 11.89 4.88 1.59
CA TYR A 136 13.31 4.94 1.91
C TYR A 136 14.13 4.86 0.65
N LEU A 137 13.80 3.91 -0.22
CA LEU A 137 14.65 3.67 -1.41
C LEU A 137 14.65 4.86 -2.35
N ILE A 138 13.48 5.45 -2.57
CA ILE A 138 13.40 6.60 -3.47
C ILE A 138 14.25 7.75 -2.92
N ASN A 139 14.23 7.94 -1.61
CA ASN A 139 15.08 8.96 -1.00
C ASN A 139 16.54 8.69 -1.20
N GLN A 140 16.95 7.42 -1.20
CA GLN A 140 18.32 7.08 -1.54
C GLN A 140 18.57 7.10 -3.04
N GLY A 141 17.58 7.41 -3.86
CA GLY A 141 17.85 7.53 -5.28
C GLY A 141 17.84 6.23 -6.04
N ILE A 142 17.43 5.14 -5.39
CA ILE A 142 17.35 3.82 -6.01
C ILE A 142 15.95 3.60 -6.54
N ASN A 143 15.87 2.97 -7.69
CA ASN A 143 14.55 2.71 -8.22
C ASN A 143 14.05 1.47 -7.52
N PRO A 144 12.96 1.58 -6.77
CA PRO A 144 12.47 0.44 -5.98
C PRO A 144 12.12 -0.76 -6.82
N LEU A 145 11.65 -0.54 -8.03
CA LEU A 145 11.16 -1.66 -8.83
C LEU A 145 12.28 -2.52 -9.37
N THR A 146 13.53 -2.13 -9.17
CA THR A 146 14.63 -2.93 -9.69
C THR A 146 15.58 -3.37 -8.59
N VAL A 147 15.16 -3.28 -7.34
CA VAL A 147 15.90 -3.92 -6.25
C VAL A 147 15.47 -5.37 -6.18
N GLU A 148 16.43 -6.27 -6.26
CA GLU A 148 16.24 -7.71 -6.12
C GLU A 148 16.01 -8.05 -4.63
N PRO A 149 14.97 -8.83 -4.30
CA PRO A 149 14.74 -9.17 -2.90
C PRO A 149 15.92 -9.90 -2.26
N GLN A 150 16.18 -9.61 -0.98
CA GLN A 150 17.24 -10.24 -0.21
C GLN A 150 16.67 -11.06 0.93
N LEU A 151 17.37 -12.13 1.34
CA LEU A 151 16.96 -12.90 2.52
C LEU A 151 17.71 -12.34 3.70
N VAL A 152 16.98 -11.73 4.62
CA VAL A 152 17.58 -10.96 5.70
C VAL A 152 17.02 -11.44 7.03
N GLU A 153 17.77 -11.20 8.10
CA GLU A 153 17.36 -11.58 9.45
C GLU A 153 16.69 -10.37 10.07
N LYS A 154 15.45 -10.55 10.51
CA LYS A 154 14.71 -9.43 11.07
C LYS A 154 13.93 -9.89 12.30
N ILE A 155 13.61 -8.92 13.12
CA ILE A 155 12.62 -9.04 14.16
C ILE A 155 11.33 -8.64 13.52
N ILE A 156 10.31 -9.49 13.64
CA ILE A 156 9.00 -9.19 13.08
C ILE A 156 8.07 -8.76 14.19
N PHE A 157 7.39 -7.63 14.00
CA PHE A 157 6.49 -7.02 14.99
C PHE A 157 5.03 -7.13 14.54
N PHE A 158 4.20 -7.71 15.37
CA PHE A 158 2.77 -7.68 15.10
C PHE A 158 2.06 -7.12 16.32
N SER A 159 1.09 -6.26 16.10
CA SER A 159 0.24 -5.76 17.17
C SER A 159 -1.17 -5.60 16.66
N ASP A 160 -2.14 -5.87 17.52
CA ASP A 160 -3.55 -5.71 17.18
C ASP A 160 -4.44 -5.34 18.37
N ILE A 161 -5.62 -4.84 18.11
CA ILE A 161 -6.54 -4.42 19.14
C ILE A 161 -7.21 -5.55 19.89
N LEU A 162 -7.27 -5.44 21.20
CA LEU A 162 -7.85 -6.51 22.00
C LEU A 162 -9.38 -6.45 21.89
N ALA A 163 -10.00 -7.60 21.70
CA ALA A 163 -11.45 -7.71 21.59
C ALA A 163 -11.99 -6.85 20.44
N PHE A 164 -11.23 -6.69 19.38
CA PHE A 164 -11.67 -5.76 18.34
C PHE A 164 -12.95 -6.18 17.66
N SER A 165 -13.22 -7.48 17.64
CA SER A 165 -14.46 -7.89 17.02
C SER A 165 -15.65 -7.54 17.91
N THR A 166 -15.41 -7.27 19.20
CA THR A 166 -16.49 -6.82 20.06
C THR A 166 -16.73 -5.34 19.90
N LEU A 167 -15.66 -4.56 19.81
CA LEU A 167 -15.77 -3.19 19.34
C LEU A 167 -16.50 -3.13 17.99
N THR A 168 -16.03 -3.86 16.96
CA THR A 168 -16.66 -3.65 15.66
C THR A 168 -18.16 -3.90 15.74
N GLU A 169 -18.56 -4.85 16.57
CA GLU A 169 -19.95 -5.24 16.73
C GLU A 169 -20.78 -4.22 17.51
N LYS A 170 -20.19 -3.47 18.46
CA LYS A 170 -21.00 -2.55 19.27
C LYS A 170 -20.76 -1.06 18.99
N LEU A 171 -19.64 -0.69 18.46
CA LEU A 171 -19.54 0.69 18.06
C LEU A 171 -20.15 0.94 16.68
N PRO A 172 -20.62 2.14 16.44
CA PRO A 172 -20.94 2.51 15.06
C PRO A 172 -19.68 2.66 14.25
N VAL A 173 -19.88 2.61 12.93
CA VAL A 173 -18.79 2.63 11.95
C VAL A 173 -17.82 3.78 12.21
N ASN A 174 -18.33 5.01 12.33
CA ASN A 174 -17.43 6.15 12.49
CA ASN A 174 -17.41 6.14 12.48
C ASN A 174 -16.58 6.02 13.75
N GLU A 175 -17.14 5.46 14.81
CA GLU A 175 -16.35 5.38 16.04
C GLU A 175 -15.26 4.32 15.91
N VAL A 176 -15.54 3.19 15.29
CA VAL A 176 -14.50 2.22 15.03
C VAL A 176 -13.39 2.88 14.23
N VAL A 177 -13.76 3.63 13.19
CA VAL A 177 -12.72 4.27 12.37
C VAL A 177 -11.87 5.18 13.21
N ILE A 178 -12.50 6.03 14.01
CA ILE A 178 -11.74 6.92 14.90
C ILE A 178 -10.78 6.09 15.74
N LEU A 179 -11.29 5.02 16.32
CA LEU A 179 -10.48 4.19 17.18
C LEU A 179 -9.29 3.58 16.39
N VAL A 180 -9.58 2.96 15.23
CA VAL A 180 -8.52 2.32 14.46
C VAL A 180 -7.52 3.35 13.99
N ASN A 181 -7.99 4.48 13.47
CA ASN A 181 -6.99 5.45 13.02
C ASN A 181 -6.07 5.84 14.17
N ARG A 182 -6.62 6.14 15.35
CA ARG A 182 -5.77 6.55 16.46
C ARG A 182 -4.78 5.45 16.81
N TYR A 183 -5.22 4.21 16.81
CA TYR A 183 -4.30 3.13 17.13
C TYR A 183 -3.18 3.03 16.09
N PHE A 184 -3.50 3.14 14.82
CA PHE A 184 -2.42 3.11 13.82
C PHE A 184 -1.53 4.33 13.96
N SER A 185 -2.14 5.49 14.16
CA SER A 185 -1.36 6.71 14.31
CA SER A 185 -1.37 6.71 14.31
C SER A 185 -0.29 6.52 15.37
N ILE A 186 -0.66 5.91 16.50
CA ILE A 186 0.26 5.79 17.62
C ILE A 186 1.34 4.77 17.31
N CYS A 187 0.91 3.57 16.94
CA CYS A 187 1.82 2.50 16.54
C CYS A 187 2.87 2.97 15.53
N THR A 188 2.39 3.47 14.40
CA THR A 188 3.30 3.93 13.34
C THR A 188 4.28 4.97 13.85
N ARG A 189 3.79 5.94 14.61
CA ARG A 189 4.67 6.96 15.20
C ARG A 189 5.82 6.35 15.98
N ILE A 190 5.53 5.33 16.78
CA ILE A 190 6.54 4.90 17.74
C ILE A 190 7.45 3.89 17.10
N ILE A 191 6.87 2.93 16.37
CA ILE A 191 7.67 2.09 15.50
C ILE A 191 8.61 2.94 14.67
N SER A 192 8.12 4.02 14.06
CA SER A 192 9.05 4.78 13.22
C SER A 192 10.03 5.56 14.03
N ALA A 193 9.62 6.05 15.22
CA ALA A 193 10.56 6.78 16.06
C ALA A 193 11.78 5.95 16.40
N TYR A 194 11.59 4.65 16.58
CA TYR A 194 12.59 3.76 17.11
C TYR A 194 13.39 3.12 16.00
N GLY A 195 13.05 3.40 14.75
CA GLY A 195 13.79 2.93 13.62
C GLY A 195 13.23 1.69 12.98
N GLY A 196 12.08 1.19 13.42
CA GLY A 196 11.44 0.11 12.72
C GLY A 196 10.79 0.61 11.46
N GLU A 197 10.27 -0.32 10.68
CA GLU A 197 9.46 0.03 9.51
C GLU A 197 8.14 -0.69 9.63
N VAL A 198 7.06 0.07 9.54
CA VAL A 198 5.78 -0.57 9.29
C VAL A 198 5.85 -1.19 7.92
N THR A 199 5.43 -2.45 7.82
CA THR A 199 5.35 -3.07 6.51
C THR A 199 3.91 -3.07 5.97
N LYS A 200 2.90 -3.31 6.82
CA LYS A 200 1.52 -3.06 6.38
C LYS A 200 0.55 -3.16 7.55
N PHE A 201 -0.67 -2.66 7.34
CA PHE A 201 -1.84 -2.94 8.18
C PHE A 201 -2.65 -4.08 7.58
N ILE A 202 -3.20 -4.91 8.46
CA ILE A 202 -4.01 -6.05 8.04
C ILE A 202 -5.23 -6.12 8.94
N GLY A 203 -6.39 -5.72 8.45
CA GLY A 203 -7.50 -5.51 9.37
C GLY A 203 -6.99 -4.55 10.39
N ASP A 204 -7.17 -4.87 11.68
CA ASP A 204 -6.71 -4.05 12.82
C ASP A 204 -5.25 -4.27 13.23
N CYS A 205 -4.51 -5.16 12.55
CA CYS A 205 -3.15 -5.49 12.96
C CYS A 205 -2.11 -4.53 12.37
N VAL A 206 -1.10 -4.19 13.15
CA VAL A 206 0.06 -3.51 12.60
C VAL A 206 1.20 -4.53 12.50
N MET A 207 1.81 -4.59 11.32
CA MET A 207 2.91 -5.50 11.01
C MET A 207 4.13 -4.65 10.75
N ALA A 208 5.21 -4.90 11.48
CA ALA A 208 6.44 -4.19 11.25
C ALA A 208 7.62 -5.12 11.44
N SER A 209 8.83 -4.59 11.18
CA SER A 209 10.05 -5.33 11.39
C SER A 209 11.14 -4.39 11.90
N PHE A 210 12.10 -4.96 12.63
CA PHE A 210 13.31 -4.26 13.02
C PHE A 210 14.52 -5.11 12.63
N THR A 211 15.69 -4.49 12.47
CA THR A 211 16.88 -5.27 12.22
C THR A 211 17.31 -6.04 13.47
N LYS A 212 18.31 -6.88 13.29
CA LYS A 212 18.86 -7.71 14.35
C LYS A 212 19.54 -6.89 15.45
N GLU A 213 19.95 -5.68 15.12
CA GLU A 213 20.60 -4.82 16.08
C GLU A 213 19.63 -3.93 16.85
N GLN A 214 18.34 -4.10 16.59
CA GLN A 214 17.28 -3.31 17.18
C GLN A 214 16.38 -4.03 18.15
N GLY A 215 16.90 -5.01 18.86
CA GLY A 215 16.09 -5.74 19.81
C GLY A 215 15.56 -4.91 20.96
N ASP A 216 16.39 -4.05 21.55
CA ASP A 216 15.95 -3.22 22.65
C ASP A 216 14.90 -2.25 22.13
N ALA A 217 15.16 -1.70 20.96
CA ALA A 217 14.21 -0.85 20.25
C ALA A 217 12.86 -1.52 20.04
N ALA A 218 12.87 -2.79 19.63
CA ALA A 218 11.62 -3.50 19.40
C ALA A 218 10.88 -3.74 20.69
N ILE A 219 11.60 -3.96 21.78
CA ILE A 219 10.95 -4.05 23.09
CA ILE A 219 10.92 -4.06 23.07
C ILE A 219 10.40 -2.67 23.50
N ARG A 220 11.28 -1.65 23.48
CA ARG A 220 10.83 -0.32 23.88
C ARG A 220 9.71 0.20 23.02
N THR A 221 9.75 -0.07 21.72
CA THR A 221 8.60 0.24 20.88
C THR A 221 7.35 -0.37 21.48
N SER A 222 7.41 -1.68 21.78
CA SER A 222 6.26 -2.39 22.29
C SER A 222 5.79 -1.79 23.62
N LEU A 223 6.71 -1.47 24.53
CA LEU A 223 6.27 -0.96 25.83
C LEU A 223 5.73 0.45 25.69
N ASP A 224 6.26 1.21 24.74
CA ASP A 224 5.76 2.55 24.52
C ASP A 224 4.36 2.54 23.92
N ILE A 225 4.07 1.68 22.93
CA ILE A 225 2.70 1.50 22.45
CA ILE A 225 2.70 1.58 22.45
C ILE A 225 1.77 1.26 23.64
N ILE A 226 2.08 0.19 24.37
CA ILE A 226 1.26 -0.18 25.51
C ILE A 226 1.10 1.00 26.47
N SER A 227 2.18 1.70 26.75
CA SER A 227 2.05 2.84 27.67
C SER A 227 1.15 3.93 27.11
N GLU A 228 1.20 4.17 25.82
CA GLU A 228 0.43 5.28 25.30
C GLU A 228 -1.05 4.94 25.29
N LEU A 229 -1.38 3.71 24.94
CA LEU A 229 -2.78 3.32 25.05
C LEU A 229 -3.25 3.43 26.47
N LYS A 230 -2.37 3.26 27.44
CA LYS A 230 -2.84 3.33 28.83
C LYS A 230 -3.16 4.77 29.21
N GLN A 231 -2.31 5.73 28.81
CA GLN A 231 -2.66 7.12 29.10
C GLN A 231 -3.92 7.57 28.38
N LEU A 232 -4.03 7.26 27.10
CA LEU A 232 -5.22 7.60 26.34
C LEU A 232 -6.49 7.18 27.07
N ARG A 233 -6.50 5.96 27.65
CA ARG A 233 -7.71 5.47 28.27
C ARG A 233 -8.17 6.35 29.40
N HIS A 234 -7.24 6.81 30.26
CA HIS A 234 -7.76 7.66 31.31
C HIS A 234 -7.76 9.11 30.91
N HIS A 235 -7.11 9.50 29.81
CA HIS A 235 -7.23 10.90 29.43
CA HIS A 235 -7.20 10.91 29.42
C HIS A 235 -8.62 11.22 28.92
N VAL A 236 -9.30 10.25 28.28
CA VAL A 236 -10.61 10.43 27.63
C VAL A 236 -11.73 10.06 28.60
N GLU A 237 -12.92 10.56 28.27
CA GLU A 237 -14.13 10.28 29.03
C GLU A 237 -14.64 8.87 28.70
N ALA A 238 -15.55 8.38 29.56
CA ALA A 238 -16.04 7.02 29.46
C ALA A 238 -16.97 6.82 28.26
N THR A 239 -17.51 7.89 27.70
CA THR A 239 -18.30 7.77 26.47
C THR A 239 -17.45 7.78 25.23
N ASN A 240 -16.14 7.90 25.35
CA ASN A 240 -15.22 7.90 24.23
C ASN A 240 -14.69 6.48 24.03
N PRO A 241 -14.91 5.86 22.85
CA PRO A 241 -14.41 4.51 22.64
C PRO A 241 -12.94 4.34 22.90
N LEU A 242 -12.12 5.36 22.67
CA LEU A 242 -10.69 5.19 22.94
C LEU A 242 -10.46 4.78 24.38
N HIS A 243 -11.49 4.92 25.22
CA HIS A 243 -11.41 4.52 26.62
C HIS A 243 -11.30 3.00 26.77
N LEU A 244 -11.61 2.27 25.70
CA LEU A 244 -11.59 0.81 25.73
C LEU A 244 -10.50 0.20 24.85
N LEU A 245 -9.55 1.01 24.40
CA LEU A 245 -8.47 0.59 23.51
C LEU A 245 -7.34 -0.12 24.26
N TYR A 246 -7.17 -1.44 24.00
CA TYR A 246 -6.03 -2.26 24.44
C TYR A 246 -5.36 -2.98 23.27
N THR A 247 -4.11 -3.38 23.49
CA THR A 247 -3.35 -4.07 22.46
C THR A 247 -2.58 -5.22 23.06
N GLY A 248 -2.30 -6.21 22.22
CA GLY A 248 -1.30 -7.22 22.51
C GLY A 248 -0.25 -7.26 21.41
N ILE A 249 0.98 -7.66 21.77
CA ILE A 249 2.12 -7.53 20.86
C ILE A 249 2.92 -8.82 20.82
N GLY A 250 3.29 -9.25 19.61
CA GLY A 250 4.12 -10.44 19.40
C GLY A 250 5.35 -10.06 18.58
N LEU A 251 6.50 -10.60 18.98
CA LEU A 251 7.80 -10.35 18.34
C LEU A 251 8.38 -11.71 18.02
N SER A 252 8.87 -11.90 16.79
CA SER A 252 9.76 -13.03 16.49
C SER A 252 11.02 -12.52 15.83
N TYR A 253 11.98 -13.41 15.71
CA TYR A 253 13.24 -13.12 15.04
C TYR A 253 13.57 -14.30 14.13
N GLY A 254 13.70 -14.05 12.83
CA GLY A 254 13.96 -15.08 11.85
C GLY A 254 14.36 -14.61 10.48
N HIS A 255 14.65 -15.55 9.59
CA HIS A 255 15.00 -15.22 8.23
C HIS A 255 13.74 -14.89 7.49
N VAL A 256 13.79 -13.84 6.70
CA VAL A 256 12.66 -13.50 5.88
C VAL A 256 13.19 -12.90 4.61
N ILE A 257 12.45 -13.09 3.55
CA ILE A 257 12.80 -12.48 2.27
C ILE A 257 12.08 -11.14 2.20
N GLU A 258 12.80 -10.09 1.88
CA GLU A 258 12.21 -8.78 1.84
C GLU A 258 12.41 -8.20 0.49
N GLY A 259 11.36 -8.13 -0.31
CA GLY A 259 11.54 -7.72 -1.69
C GLY A 259 10.27 -7.28 -2.35
N ASN A 260 10.39 -6.70 -3.53
CA ASN A 260 9.23 -6.25 -4.23
C ASN A 260 8.65 -7.42 -4.96
N MET A 261 7.39 -7.70 -4.66
CA MET A 261 6.69 -8.81 -5.22
C MET A 261 5.30 -8.48 -5.75
N GLY A 262 4.98 -9.15 -6.84
CA GLY A 262 3.74 -8.95 -7.53
C GLY A 262 3.98 -9.02 -9.02
N SER A 263 3.13 -8.35 -9.77
CA SER A 263 3.21 -8.31 -11.22
C SER A 263 3.12 -6.87 -11.64
N SER A 264 3.37 -6.59 -12.90
CA SER A 264 3.29 -5.23 -13.40
C SER A 264 1.94 -4.66 -13.02
N LEU A 265 0.96 -5.54 -12.88
CA LEU A 265 -0.39 -5.21 -12.47
C LEU A 265 -0.54 -4.71 -11.02
N LYS A 266 0.16 -5.32 -10.09
CA LYS A 266 0.17 -4.89 -8.69
C LYS A 266 1.46 -5.27 -8.05
N MET A 267 2.04 -4.36 -7.30
CA MET A 267 3.28 -4.62 -6.64
C MET A 267 3.14 -4.34 -5.19
N ASP A 268 3.89 -5.06 -4.38
CA ASP A 268 3.89 -4.88 -2.96
C ASP A 268 5.28 -5.06 -2.42
N HIS A 269 5.51 -4.56 -1.22
CA HIS A 269 6.76 -4.78 -0.56
C HIS A 269 6.37 -5.71 0.55
N THR A 270 7.12 -6.74 0.77
CA THR A 270 6.70 -7.65 1.82
C THR A 270 7.72 -8.64 2.33
N LEU A 271 7.33 -9.41 3.31
CA LEU A 271 8.29 -10.31 3.92
C LEU A 271 7.68 -11.69 3.92
N LEU A 272 8.44 -12.68 3.43
CA LEU A 272 8.01 -14.07 3.43
C LEU A 272 8.90 -14.84 4.38
N GLY A 273 8.28 -15.57 5.30
CA GLY A 273 9.04 -16.44 6.18
C GLY A 273 8.23 -16.89 7.35
N ASP A 274 8.65 -17.97 7.99
CA ASP A 274 7.86 -18.41 9.13
C ASP A 274 7.86 -17.40 10.27
N ALA A 275 8.95 -16.64 10.45
CA ALA A 275 8.99 -15.66 11.52
C ALA A 275 7.72 -14.79 11.53
N VAL A 276 7.14 -14.51 10.38
CA VAL A 276 5.93 -13.71 10.32
C VAL A 276 4.80 -14.42 11.05
N ASN A 277 4.54 -15.67 10.68
CA ASN A 277 3.48 -16.45 11.34
CA ASN A 277 3.48 -16.43 11.33
C ASN A 277 3.77 -16.63 12.82
N VAL A 278 5.05 -16.79 13.18
CA VAL A 278 5.42 -16.95 14.59
C VAL A 278 5.00 -15.70 15.38
N ALA A 279 5.26 -14.51 14.84
CA ALA A 279 4.99 -13.30 15.59
C ALA A 279 3.50 -13.03 15.64
N ALA A 280 2.75 -13.33 14.60
CA ALA A 280 1.31 -13.13 14.71
C ALA A 280 0.74 -14.04 15.79
N ARG A 281 1.20 -15.27 15.81
CA ARG A 281 0.72 -16.20 16.79
C ARG A 281 1.07 -15.88 18.23
N LEU A 282 2.25 -15.35 18.46
CA LEU A 282 2.66 -14.98 19.80
C LEU A 282 1.73 -13.89 20.30
N GLU A 283 1.37 -12.99 19.41
CA GLU A 283 0.46 -11.91 19.72
C GLU A 283 -0.91 -12.43 20.07
N ALA A 284 -1.39 -13.42 19.36
CA ALA A 284 -2.67 -14.02 19.67
C ALA A 284 -2.56 -14.64 21.04
N LEU A 285 -1.38 -15.10 21.42
CA LEU A 285 -1.09 -15.70 22.74
C LEU A 285 -1.22 -14.81 24.01
N THR A 286 -0.86 -13.56 23.81
CA THR A 286 -0.86 -12.61 24.90
C THR A 286 -2.25 -12.47 25.48
N ARG A 287 -3.28 -12.78 24.70
CA ARG A 287 -4.64 -12.72 25.23
C ARG A 287 -4.79 -13.74 26.34
N GLN A 288 -4.11 -14.87 26.19
CA GLN A 288 -4.15 -15.91 27.19
C GLN A 288 -3.20 -15.65 28.35
N LEU A 289 -2.28 -14.71 28.20
CA LEU A 289 -1.32 -14.43 29.30
C LEU A 289 -1.36 -13.13 30.17
N PRO A 290 -0.83 -13.17 31.41
CA PRO A 290 -0.73 -11.97 32.28
C PRO A 290 0.04 -10.79 31.70
N TYR A 291 0.51 -10.89 30.47
CA TYR A 291 1.43 -9.92 29.90
C TYR A 291 0.92 -9.54 28.53
N ALA A 292 1.19 -8.30 28.13
CA ALA A 292 0.74 -7.84 26.82
C ALA A 292 1.84 -7.88 25.78
N LEU A 293 3.04 -8.39 26.11
CA LEU A 293 4.10 -8.58 25.14
C LEU A 293 4.57 -10.03 25.21
N ALA A 294 4.80 -10.63 24.05
CA ALA A 294 5.37 -11.98 24.09
C ALA A 294 6.31 -12.12 22.93
N PHE A 295 7.42 -12.83 23.12
CA PHE A 295 8.41 -12.93 22.08
C PHE A 295 9.29 -14.16 22.28
N THR A 296 10.14 -14.40 21.31
CA THR A 296 10.85 -15.67 21.27
C THR A 296 12.24 -15.54 21.85
N ALA A 297 12.90 -16.69 22.02
CA ALA A 297 14.30 -16.70 22.38
C ALA A 297 15.12 -15.86 21.44
N GLY A 298 14.80 -15.90 20.15
CA GLY A 298 15.65 -15.24 19.19
C GLY A 298 15.60 -13.75 19.33
N VAL A 299 14.41 -13.21 19.60
CA VAL A 299 14.27 -11.79 19.87
C VAL A 299 15.13 -11.42 21.06
N LYS A 300 14.96 -12.17 22.14
CA LYS A 300 15.74 -11.98 23.34
C LYS A 300 17.23 -12.01 23.07
N LYS A 301 17.70 -12.90 22.19
CA LYS A 301 19.14 -12.90 21.92
C LYS A 301 19.59 -11.63 21.22
N CYS A 302 18.68 -10.89 20.59
CA CYS A 302 19.08 -9.65 19.92
C CYS A 302 19.18 -8.46 20.88
N CYS A 303 18.93 -8.66 22.18
CA CYS A 303 18.89 -7.53 23.12
C CYS A 303 20.18 -7.42 23.92
N GLN A 304 20.62 -6.19 24.13
CA GLN A 304 21.81 -5.91 24.90
C GLN A 304 21.49 -5.29 26.25
N ALA A 305 20.35 -4.62 26.32
CA ALA A 305 19.93 -3.99 27.54
C ALA A 305 19.67 -5.05 28.56
N GLN A 306 19.83 -4.69 29.83
CA GLN A 306 19.65 -5.62 30.92
C GLN A 306 18.22 -5.74 31.40
N TRP A 307 17.38 -6.33 30.56
CA TRP A 307 15.98 -6.53 30.86
C TRP A 307 15.78 -7.65 31.84
N THR A 308 14.66 -7.61 32.54
CA THR A 308 14.28 -8.72 33.40
C THR A 308 13.36 -9.58 32.55
N PHE A 309 13.95 -10.59 31.89
CA PHE A 309 13.19 -11.48 31.00
C PHE A 309 12.43 -12.49 31.82
N ILE A 310 11.20 -12.79 31.42
CA ILE A 310 10.38 -13.77 32.15
C ILE A 310 9.98 -14.87 31.18
N ASN A 311 10.24 -16.12 31.58
CA ASN A 311 10.03 -17.28 30.72
C ASN A 311 8.66 -17.86 30.96
N LEU A 312 7.84 -17.89 29.91
CA LEU A 312 6.49 -18.39 30.01
C LEU A 312 6.34 -19.81 29.49
N GLY A 313 7.45 -20.58 29.41
CA GLY A 313 7.38 -21.96 28.99
C GLY A 313 7.19 -22.09 27.48
N ALA A 314 7.04 -23.34 27.05
CA ALA A 314 6.96 -23.68 25.63
C ALA A 314 5.52 -23.57 25.13
N HIS A 315 5.36 -23.39 23.82
CA HIS A 315 4.01 -23.24 23.24
C HIS A 315 3.98 -23.71 21.79
N GLN A 316 3.14 -24.71 21.48
CA GLN A 316 3.04 -25.17 20.11
C GLN A 316 2.30 -24.11 19.32
N VAL A 317 2.63 -24.01 18.04
CA VAL A 317 2.06 -22.95 17.20
C VAL A 317 1.65 -23.43 15.80
N GLU A 322 6.46 -27.71 15.73
CA GLU A 322 7.24 -27.77 16.96
C GLU A 322 6.96 -26.60 17.93
N ALA A 323 7.27 -26.80 19.21
CA ALA A 323 6.98 -25.84 20.28
C ALA A 323 8.01 -24.71 20.32
N ILE A 324 7.59 -23.59 20.89
CA ILE A 324 8.34 -22.33 20.93
C ILE A 324 8.47 -21.88 22.39
N GLU A 325 9.70 -21.72 22.89
CA GLU A 325 9.89 -21.05 24.17
C GLU A 325 9.49 -19.59 24.03
N VAL A 326 8.79 -19.06 25.06
CA VAL A 326 8.18 -17.74 25.00
C VAL A 326 8.64 -16.93 26.20
N TYR A 327 9.01 -15.67 25.96
CA TYR A 327 9.51 -14.76 27.00
C TYR A 327 8.75 -13.43 26.94
N THR A 328 8.84 -12.71 28.04
CA THR A 328 8.33 -11.36 28.12
C THR A 328 9.28 -10.60 29.03
N VAL A 329 8.92 -9.37 29.36
CA VAL A 329 9.64 -8.61 30.38
C VAL A 329 8.65 -8.12 31.41
N ASN A 330 9.14 -7.93 32.63
CA ASN A 330 8.23 -7.66 33.74
C ASN A 330 7.39 -6.42 33.51
N GLU A 331 7.97 -5.39 32.90
CA GLU A 331 7.27 -4.16 32.56
C GLU A 331 6.00 -4.39 31.73
N ALA A 332 5.80 -5.59 31.20
CA ALA A 332 4.72 -5.87 30.27
C ALA A 332 3.55 -6.51 30.94
N GLN A 333 3.59 -6.62 32.27
CA GLN A 333 2.52 -7.28 33.01
C GLN A 333 1.25 -6.46 32.95
N LYS A 334 0.13 -7.14 32.81
CA LYS A 334 -1.16 -6.45 32.76
C LYS A 334 -1.64 -6.14 34.17
N TYR A 335 -1.95 -4.86 34.43
CA TYR A 335 -2.64 -4.47 35.67
C TYR A 335 -4.09 -4.95 35.72
N TYR A 336 -4.60 -5.53 34.62
CA TYR A 336 -5.91 -6.15 34.52
C TYR A 336 -5.77 -7.65 34.27
N ASP A 337 -6.90 -8.32 34.21
CA ASP A 337 -7.04 -9.65 33.64
C ASP A 337 -7.69 -9.46 32.26
N THR A 338 -7.66 -10.49 31.43
CA THR A 338 -7.96 -10.28 30.01
C THR A 338 -9.37 -10.71 29.58
N LEU A 339 -10.01 -11.62 30.29
CA LEU A 339 -11.38 -11.97 29.92
C LEU A 339 -12.41 -10.96 30.41
N GLN A 340 -12.15 -10.32 31.55
CA GLN A 340 -12.99 -9.23 32.03
C GLN A 340 -12.96 -8.06 31.09
N ILE A 341 -11.77 -7.68 30.64
CA ILE A 341 -11.69 -6.59 29.68
C ILE A 341 -12.66 -6.87 28.54
N THR A 342 -12.75 -8.13 28.13
CA THR A 342 -13.68 -8.47 27.07
C THR A 342 -15.12 -8.25 27.53
N GLN A 343 -15.45 -8.70 28.73
CA GLN A 343 -16.82 -8.55 29.19
C GLN A 343 -17.11 -7.13 29.68
N LEU A 344 -16.13 -6.48 30.32
CA LEU A 344 -16.23 -5.04 30.54
C LEU A 344 -16.43 -4.29 29.23
N ILE A 345 -15.64 -4.61 28.23
CA ILE A 345 -15.82 -3.91 26.99
C ILE A 345 -17.25 -4.05 26.53
N ARG A 346 -17.77 -5.26 26.59
CA ARG A 346 -19.13 -5.52 26.16
C ARG A 346 -20.24 -4.88 26.97
N GLN A 347 -20.13 -4.89 28.28
CA GLN A 347 -21.15 -4.28 29.11
C GLN A 347 -21.25 -2.77 28.97
N THR A 348 -20.12 -2.11 28.86
CA THR A 348 -20.08 -0.67 28.72
C THR A 348 -20.86 -0.27 27.49
N LEU A 349 -20.80 -1.08 26.45
CA LEU A 349 -21.50 -0.76 25.23
C LEU A 349 -22.94 -1.26 25.33
N GLU A 350 -23.79 -0.35 25.80
CA GLU A 350 -25.21 -0.52 26.05
C GLU A 350 -26.08 -0.69 24.82
N MET B 5 -22.09 20.17 -16.14
CA MET B 5 -20.72 20.49 -16.53
C MET B 5 -19.64 19.84 -15.65
N LYS B 6 -18.81 19.00 -16.26
CA LYS B 6 -17.77 18.21 -15.59
C LYS B 6 -16.40 18.48 -16.21
N ARG B 7 -15.34 17.95 -15.59
CA ARG B 7 -14.02 17.94 -16.24
C ARG B 7 -13.10 16.91 -15.61
N LEU B 8 -12.47 16.10 -16.47
CA LEU B 8 -11.50 15.11 -16.04
C LEU B 8 -10.10 15.53 -16.46
N VAL B 9 -9.11 15.00 -15.74
CA VAL B 9 -7.69 15.16 -16.04
C VAL B 9 -7.02 13.80 -15.90
N TYR B 10 -6.34 13.33 -16.94
CA TYR B 10 -5.63 12.04 -16.89
C TYR B 10 -4.22 12.18 -17.46
N VAL B 11 -3.38 11.19 -17.13
CA VAL B 11 -2.02 11.09 -17.65
C VAL B 11 -1.87 9.72 -18.30
N SER B 12 -1.09 9.64 -19.39
CA SER B 12 -0.82 8.35 -20.03
C SER B 12 0.59 8.28 -20.62
N LYS B 13 0.94 7.10 -21.14
CA LYS B 13 2.21 6.81 -21.81
C LYS B 13 2.00 6.53 -23.30
N ILE B 14 2.92 7.01 -24.13
CA ILE B 14 2.67 6.96 -25.58
C ILE B 14 3.51 5.86 -26.23
N LEU B 20 5.77 12.48 -33.86
CA LEU B 20 5.71 13.92 -34.13
C LEU B 20 4.67 14.23 -35.18
N GLU B 21 4.79 13.80 -36.41
CA GLU B 21 3.67 14.18 -37.29
C GLU B 21 2.30 13.56 -36.90
N GLU B 22 2.32 12.33 -36.45
CA GLU B 22 1.08 11.66 -36.07
C GLU B 22 0.42 12.45 -34.97
N ILE B 23 1.22 13.08 -34.13
CA ILE B 23 0.72 13.87 -33.03
C ILE B 23 -0.07 15.04 -33.57
N GLN B 24 0.42 15.61 -34.64
CA GLN B 24 -0.28 16.72 -35.25
C GLN B 24 -1.63 16.24 -35.75
N ARG B 25 -1.63 15.06 -36.35
CA ARG B 25 -2.91 14.52 -36.83
C ARG B 25 -3.88 14.30 -35.67
N ILE B 26 -3.36 13.80 -34.56
CA ILE B 26 -4.17 13.53 -33.40
C ILE B 26 -4.83 14.83 -33.00
N GLY B 27 -4.03 15.88 -32.97
CA GLY B 27 -4.54 17.18 -32.63
C GLY B 27 -5.57 17.80 -33.55
N LYS B 28 -5.39 17.70 -34.86
CA LYS B 28 -6.37 18.32 -35.76
C LYS B 28 -7.75 17.71 -35.60
N VAL B 29 -7.79 16.40 -35.56
CA VAL B 29 -9.04 15.65 -35.39
C VAL B 29 -9.72 16.02 -34.07
N SER B 30 -8.97 16.16 -32.96
CA SER B 30 -9.63 16.47 -31.69
C SER B 30 -10.24 17.87 -31.67
N ILE B 31 -9.63 18.86 -32.34
CA ILE B 31 -10.27 20.18 -32.40
C ILE B 31 -11.62 20.11 -33.11
N LYS B 32 -11.71 19.37 -34.21
CA LYS B 32 -12.97 19.38 -34.94
C LYS B 32 -14.07 18.62 -34.19
N ASN B 33 -13.74 17.48 -33.57
CA ASN B 33 -14.78 16.75 -32.83
C ASN B 33 -15.14 17.44 -31.53
N ASN B 34 -14.15 17.93 -30.80
CA ASN B 34 -14.47 18.63 -29.56
C ASN B 34 -15.18 19.94 -29.86
N GLN B 35 -14.87 20.56 -31.00
CA GLN B 35 -15.68 21.68 -31.50
C GLN B 35 -17.13 21.26 -31.74
N ARG B 36 -17.35 20.02 -32.18
CA ARG B 36 -18.69 19.54 -32.47
C ARG B 36 -19.39 19.14 -31.18
N ASP B 37 -18.68 18.37 -30.36
CA ASP B 37 -19.19 17.88 -29.09
C ASP B 37 -19.38 18.93 -28.02
N ASN B 38 -18.78 20.11 -28.22
CA ASN B 38 -18.90 21.20 -27.26
C ASN B 38 -17.99 21.14 -26.06
N ILE B 39 -16.95 20.33 -26.14
CA ILE B 39 -16.03 20.23 -25.03
C ILE B 39 -14.68 20.75 -25.48
N THR B 40 -14.04 21.48 -24.59
CA THR B 40 -12.76 22.08 -24.84
C THR B 40 -11.75 21.51 -23.87
N GLY B 41 -10.50 21.46 -24.28
CA GLY B 41 -9.45 20.95 -23.43
C GLY B 41 -8.04 21.25 -23.92
N VAL B 42 -7.06 20.95 -23.09
CA VAL B 42 -5.65 21.10 -23.44
C VAL B 42 -4.97 19.74 -23.37
N LEU B 43 -3.97 19.57 -24.22
CA LEU B 43 -3.22 18.32 -24.38
C LEU B 43 -1.73 18.65 -24.36
N LEU B 44 -0.96 17.99 -23.51
CA LEU B 44 0.46 18.25 -23.39
C LEU B 44 1.27 17.01 -23.64
N TYR B 45 2.40 17.16 -24.27
CA TYR B 45 3.26 16.02 -24.51
C TYR B 45 4.64 16.36 -24.01
N LEU B 46 5.24 15.45 -23.28
CA LEU B 46 6.56 15.68 -22.77
C LEU B 46 7.31 14.39 -22.59
N GLN B 47 8.33 14.15 -23.39
CA GLN B 47 9.13 12.95 -23.20
C GLN B 47 8.41 11.62 -23.05
N GLY B 48 7.48 11.32 -23.93
CA GLY B 48 6.76 10.06 -23.87
C GLY B 48 5.57 10.02 -22.95
N LEU B 49 5.25 11.16 -22.36
CA LEU B 49 4.14 11.30 -21.44
C LEU B 49 3.13 12.27 -22.03
N PHE B 50 1.84 11.87 -22.03
CA PHE B 50 0.76 12.80 -22.31
C PHE B 50 0.09 13.25 -21.01
N PHE B 51 -0.48 14.45 -21.06
CA PHE B 51 -1.45 14.92 -20.08
C PHE B 51 -2.62 15.51 -20.87
N GLN B 52 -3.85 15.25 -20.44
CA GLN B 52 -4.96 15.85 -21.17
C GLN B 52 -6.10 16.24 -20.21
N ILE B 53 -6.64 17.45 -20.41
CA ILE B 53 -7.82 17.93 -19.68
C ILE B 53 -8.99 18.03 -20.66
N LEU B 54 -10.16 17.54 -20.24
CA LEU B 54 -11.37 17.59 -21.07
C LEU B 54 -12.55 17.99 -20.22
N GLU B 55 -13.24 19.04 -20.61
CA GLU B 55 -14.22 19.67 -19.74
C GLU B 55 -15.48 19.99 -20.54
N GLY B 56 -16.64 19.66 -19.98
CA GLY B 56 -17.90 20.11 -20.55
C GLY B 56 -19.07 19.36 -19.98
N GLU B 57 -20.13 19.33 -20.76
CA GLU B 57 -21.28 18.54 -20.37
C GLU B 57 -20.92 17.05 -20.33
N ASN B 58 -21.28 16.40 -19.21
CA ASN B 58 -20.75 15.08 -18.92
C ASN B 58 -21.07 14.06 -20.01
N GLU B 59 -22.11 14.33 -20.80
CA GLU B 59 -22.58 13.46 -21.87
C GLU B 59 -21.46 12.76 -22.64
N LYS B 60 -20.60 13.53 -23.29
CA LYS B 60 -19.56 13.01 -24.17
C LYS B 60 -18.18 13.45 -23.71
N VAL B 61 -18.08 14.19 -22.60
CA VAL B 61 -16.83 14.10 -21.84
C VAL B 61 -16.46 12.62 -21.74
N ASP B 62 -17.41 11.84 -21.22
CA ASP B 62 -17.21 10.41 -21.01
C ASP B 62 -16.96 9.69 -22.33
N LYS B 63 -17.93 9.77 -23.25
CA LYS B 63 -17.88 9.00 -24.49
C LYS B 63 -16.60 9.31 -25.27
N LEU B 64 -16.14 10.53 -25.12
CA LEU B 64 -14.88 10.93 -25.72
C LEU B 64 -13.77 10.18 -25.00
N TYR B 65 -13.92 10.12 -23.69
CA TYR B 65 -12.92 9.47 -22.86
C TYR B 65 -12.80 7.99 -23.17
N LYS B 66 -13.94 7.37 -23.41
CA LYS B 66 -13.94 5.96 -23.72
C LYS B 66 -13.19 5.70 -25.00
N LYS B 67 -13.38 6.57 -25.98
CA LYS B 67 -12.69 6.42 -27.24
C LYS B 67 -11.20 6.58 -27.01
N ILE B 68 -10.83 7.52 -26.15
CA ILE B 68 -9.44 7.73 -25.85
C ILE B 68 -8.82 6.47 -25.24
N LEU B 69 -9.58 5.83 -24.37
CA LEU B 69 -9.11 4.61 -23.71
C LEU B 69 -8.84 3.45 -24.67
N VAL B 70 -9.74 3.24 -25.61
CA VAL B 70 -9.64 2.16 -26.60
C VAL B 70 -8.49 2.39 -27.57
N ASP B 71 -7.94 3.61 -27.67
CA ASP B 71 -6.96 3.87 -28.71
C ASP B 71 -5.59 3.29 -28.36
N ASP B 72 -4.94 2.72 -29.38
CA ASP B 72 -3.81 1.83 -29.18
C ASP B 72 -2.50 2.56 -28.97
N ARG B 73 -2.43 3.79 -29.45
CA ARG B 73 -1.21 4.58 -29.38
C ARG B 73 -0.72 4.64 -27.96
N HIS B 74 -1.37 5.49 -27.18
CA HIS B 74 -1.02 5.64 -25.78
C HIS B 74 -1.53 4.46 -24.97
N THR B 75 -1.05 4.39 -23.73
CA THR B 75 -1.22 3.22 -22.90
C THR B 75 -1.03 3.62 -21.45
N ASN B 76 -1.50 2.76 -20.55
CA ASN B 76 -1.31 2.96 -19.11
C ASN B 76 -2.04 4.21 -18.64
N ILE B 77 -3.29 4.36 -19.05
CA ILE B 77 -4.02 5.61 -18.83
C ILE B 77 -4.48 5.66 -17.38
N LEU B 78 -4.24 6.79 -16.71
CA LEU B 78 -4.74 7.04 -15.35
C LEU B 78 -5.46 8.38 -15.32
N CYS B 79 -6.72 8.36 -14.86
CA CYS B 79 -7.46 9.59 -14.63
C CYS B 79 -7.08 10.17 -13.26
N LEU B 80 -6.33 11.29 -13.26
CA LEU B 80 -5.82 11.87 -12.02
C LEU B 80 -6.88 12.61 -11.24
N LYS B 81 -7.84 13.23 -11.89
CA LYS B 81 -8.82 14.03 -11.17
C LYS B 81 -10.08 14.21 -12.01
N THR B 82 -11.15 14.55 -11.33
CA THR B 82 -12.43 14.81 -11.96
C THR B 82 -13.13 15.90 -11.17
N GLU B 83 -13.95 16.69 -11.84
CA GLU B 83 -14.66 17.76 -11.16
C GLU B 83 -16.03 17.93 -11.80
N TYR B 84 -17.07 17.96 -10.98
CA TYR B 84 -18.44 18.12 -11.43
C TYR B 84 -18.90 19.54 -11.07
N ASP B 85 -19.89 20.03 -11.82
CA ASP B 85 -20.58 21.26 -11.44
C ASP B 85 -19.62 22.44 -11.34
N ILE B 86 -18.84 22.67 -12.36
CA ILE B 86 -17.95 23.81 -12.36
C ILE B 86 -18.69 25.01 -12.89
N THR B 87 -18.71 26.09 -12.11
CA THR B 87 -19.34 27.32 -12.54
C THR B 87 -18.79 27.77 -13.89
N ASP B 88 -17.46 27.76 -14.03
CA ASP B 88 -16.78 28.16 -15.25
C ASP B 88 -16.12 26.95 -15.91
N ARG B 89 -15.75 27.12 -17.17
CA ARG B 89 -14.76 26.26 -17.81
C ARG B 89 -13.40 26.89 -17.62
N MET B 90 -12.35 26.07 -17.74
CA MET B 90 -10.99 26.57 -17.58
C MET B 90 -10.33 26.95 -18.90
N PHE B 91 -10.76 26.35 -20.02
CA PHE B 91 -10.21 26.62 -21.34
C PHE B 91 -11.33 26.82 -22.33
N PRO B 92 -11.99 27.97 -22.27
CA PRO B 92 -13.28 28.15 -22.97
C PRO B 92 -13.17 28.29 -24.47
N ASN B 93 -12.00 28.62 -25.00
CA ASN B 93 -11.91 28.87 -26.41
C ASN B 93 -10.97 27.91 -27.11
N TRP B 94 -10.53 26.85 -26.44
CA TRP B 94 -9.62 25.88 -27.00
C TRP B 94 -10.33 24.54 -27.13
N ALA B 95 -10.90 24.25 -28.31
CA ALA B 95 -11.49 22.94 -28.55
C ALA B 95 -10.52 21.82 -28.20
N MET B 96 -9.23 22.04 -28.52
CA MET B 96 -8.11 21.28 -28.00
C MET B 96 -6.83 22.03 -28.37
N LYS B 97 -6.05 22.42 -27.36
CA LYS B 97 -4.80 23.16 -27.57
C LYS B 97 -3.62 22.22 -27.30
N THR B 98 -3.10 21.61 -28.35
CA THR B 98 -1.95 20.73 -28.22
C THR B 98 -0.69 21.55 -27.97
N ILE B 99 0.02 21.20 -26.91
CA ILE B 99 1.25 21.86 -26.51
C ILE B 99 2.35 20.80 -26.54
N ASN B 100 3.22 20.81 -27.54
CA ASN B 100 4.38 19.97 -27.44
C ASN B 100 5.41 20.75 -26.63
N LEU B 101 5.82 20.16 -25.51
CA LEU B 101 6.65 20.87 -24.56
C LEU B 101 8.13 20.60 -24.73
N ASN B 102 8.51 19.62 -25.55
CA ASN B 102 9.93 19.35 -25.74
C ASN B 102 10.61 20.47 -26.52
N GLU B 103 9.91 21.10 -27.44
CA GLU B 103 10.59 22.16 -28.18
C GLU B 103 10.41 23.54 -27.56
N ASN B 104 9.45 23.71 -26.64
CA ASN B 104 9.46 24.92 -25.83
C ASN B 104 10.72 24.93 -24.96
N SER B 105 11.77 25.62 -25.39
CA SER B 105 13.00 25.73 -24.62
C SER B 105 13.11 27.10 -23.96
N GLU B 106 11.98 27.71 -23.63
CA GLU B 106 12.02 28.99 -22.95
C GLU B 106 12.64 28.83 -21.57
N LEU B 107 13.61 29.69 -21.30
CA LEU B 107 14.59 29.44 -20.25
C LEU B 107 13.90 29.30 -18.90
N MET B 108 13.09 30.29 -18.54
CA MET B 108 12.29 30.28 -17.33
C MET B 108 11.17 29.26 -17.37
N ILE B 109 11.17 28.38 -18.36
CA ILE B 109 10.23 27.28 -18.34
C ILE B 109 10.92 25.94 -18.20
N GLN B 110 12.17 25.84 -18.61
CA GLN B 110 12.95 24.62 -18.38
C GLN B 110 12.81 24.07 -16.98
N PRO B 111 12.97 24.85 -15.90
CA PRO B 111 12.78 24.27 -14.55
C PRO B 111 11.45 23.58 -14.39
N ILE B 112 10.37 24.10 -14.98
CA ILE B 112 9.09 23.47 -14.67
C ILE B 112 8.93 22.17 -15.40
N LYS B 113 9.37 22.10 -16.67
CA LYS B 113 9.38 20.82 -17.38
C LYS B 113 10.16 19.77 -16.61
N SER B 114 11.33 20.15 -16.10
CA SER B 114 12.12 19.23 -15.27
C SER B 114 11.30 18.67 -14.12
N LEU B 115 10.67 19.54 -13.32
CA LEU B 115 9.91 19.06 -12.16
C LEU B 115 8.72 18.22 -12.58
N LEU B 116 8.01 18.64 -13.63
CA LEU B 116 6.84 17.89 -14.09
C LEU B 116 7.23 16.49 -14.53
N GLN B 117 8.30 16.36 -15.31
CA GLN B 117 8.72 15.05 -15.75
C GLN B 117 9.05 14.18 -14.54
N THR B 118 9.82 14.73 -13.60
CA THR B 118 10.30 13.92 -12.48
C THR B 118 9.14 13.43 -11.62
N VAL B 119 8.33 14.36 -11.10
CA VAL B 119 7.20 13.95 -10.27
C VAL B 119 6.28 13.02 -11.03
N THR B 120 6.12 13.21 -12.34
CA THR B 120 5.26 12.28 -13.06
C THR B 120 5.87 10.89 -13.08
N GLN B 121 7.10 10.75 -13.57
CA GLN B 121 7.65 9.40 -13.66
C GLN B 121 7.66 8.75 -12.30
N SER B 122 8.11 9.48 -11.27
CA SER B 122 8.01 9.01 -9.90
C SER B 122 6.59 8.55 -9.60
N HIS B 123 5.63 9.43 -9.89
CA HIS B 123 4.23 9.11 -9.68
C HIS B 123 3.89 7.74 -10.28
N ARG B 124 4.26 7.51 -11.54
CA ARG B 124 3.86 6.29 -12.21
C ARG B 124 4.52 5.05 -11.62
N VAL B 125 5.59 5.22 -10.86
CA VAL B 125 6.17 4.10 -10.13
C VAL B 125 5.34 3.80 -8.89
N LEU B 126 5.14 4.81 -8.06
CA LEU B 126 4.23 4.67 -6.94
C LEU B 126 2.91 4.03 -7.33
N GLU B 127 2.36 4.36 -8.51
CA GLU B 127 1.06 3.77 -8.87
C GLU B 127 1.08 2.27 -8.82
N LYS B 128 2.24 1.65 -9.03
CA LYS B 128 2.27 0.18 -9.00
C LYS B 128 2.08 -0.41 -7.61
N TYR B 129 2.32 0.35 -6.54
CA TYR B 129 2.21 -0.18 -5.19
C TYR B 129 0.86 0.10 -4.56
N MET B 130 0.01 0.82 -5.25
CA MET B 130 -1.26 1.31 -4.73
C MET B 130 -2.32 0.22 -4.73
N PRO B 131 -3.02 0.01 -3.63
CA PRO B 131 -4.20 -0.86 -3.70
C PRO B 131 -5.15 -0.38 -4.80
N ALA B 132 -5.77 -1.32 -5.47
CA ALA B 132 -6.59 -1.06 -6.65
C ALA B 132 -7.83 -0.24 -6.33
N ARG B 133 -8.31 -0.30 -5.09
CA ARG B 133 -9.46 0.52 -4.72
C ARG B 133 -9.08 1.97 -4.55
N VAL B 134 -7.81 2.25 -4.26
CA VAL B 134 -7.38 3.64 -4.16
C VAL B 134 -7.26 4.23 -5.55
N ILE B 135 -6.61 3.48 -6.44
CA ILE B 135 -6.48 3.88 -7.82
C ILE B 135 -7.84 4.11 -8.44
N TYR B 136 -8.78 3.23 -8.11
CA TYR B 136 -10.15 3.46 -8.56
C TYR B 136 -10.69 4.77 -8.03
N LEU B 137 -10.54 5.01 -6.73
CA LEU B 137 -11.10 6.23 -6.17
C LEU B 137 -10.51 7.45 -6.85
N ILE B 138 -9.23 7.40 -7.19
CA ILE B 138 -8.60 8.56 -7.79
C ILE B 138 -9.20 8.84 -9.16
N ASN B 139 -9.50 7.77 -9.93
CA ASN B 139 -10.20 7.93 -11.21
C ASN B 139 -11.48 8.71 -11.04
N GLN B 140 -12.36 8.24 -10.18
CA GLN B 140 -13.59 8.95 -9.90
C GLN B 140 -13.36 10.37 -9.35
N GLY B 141 -12.13 10.88 -9.30
CA GLY B 141 -11.89 12.26 -8.90
C GLY B 141 -11.94 12.49 -7.40
N ILE B 142 -11.73 11.43 -6.60
CA ILE B 142 -12.04 11.42 -5.18
C ILE B 142 -10.74 11.37 -4.38
N ASN B 143 -10.65 12.19 -3.35
CA ASN B 143 -9.46 12.21 -2.53
C ASN B 143 -9.56 11.03 -1.57
N PRO B 144 -8.78 9.97 -1.77
CA PRO B 144 -8.93 8.80 -0.90
C PRO B 144 -8.64 9.11 0.55
N LEU B 145 -7.91 10.18 0.81
CA LEU B 145 -7.75 10.61 2.19
C LEU B 145 -9.04 11.18 2.77
N THR B 146 -9.97 11.60 1.93
CA THR B 146 -11.17 12.23 2.44
C THR B 146 -12.38 11.35 2.52
N VAL B 147 -12.41 10.30 1.73
CA VAL B 147 -13.54 9.43 1.72
C VAL B 147 -13.73 8.86 3.10
N GLU B 148 -14.96 8.84 3.58
CA GLU B 148 -15.23 8.27 4.87
C GLU B 148 -15.41 6.78 4.67
N PRO B 149 -14.81 5.95 5.59
CA PRO B 149 -15.02 4.52 5.37
C PRO B 149 -16.48 4.14 5.49
N GLN B 150 -16.93 3.14 4.73
CA GLN B 150 -18.31 2.71 4.79
C GLN B 150 -18.37 1.27 5.23
N LEU B 151 -19.53 0.90 5.77
CA LEU B 151 -19.81 -0.49 6.11
C LEU B 151 -20.50 -1.12 4.89
N VAL B 152 -19.90 -2.13 4.29
CA VAL B 152 -20.48 -2.72 3.07
C VAL B 152 -20.45 -4.23 3.16
N GLU B 153 -21.46 -4.87 2.56
CA GLU B 153 -21.48 -6.32 2.44
C GLU B 153 -20.55 -6.71 1.32
N LYS B 154 -19.36 -7.24 1.65
CA LYS B 154 -18.45 -7.80 0.64
C LYS B 154 -18.37 -9.33 0.72
N ILE B 155 -17.99 -9.94 -0.41
CA ILE B 155 -17.39 -11.27 -0.43
C ILE B 155 -15.91 -11.08 -0.25
N ILE B 156 -15.31 -11.79 0.71
CA ILE B 156 -13.88 -11.69 1.00
C ILE B 156 -13.18 -12.92 0.43
N PHE B 157 -12.02 -12.73 -0.19
CA PHE B 157 -11.26 -13.83 -0.85
C PHE B 157 -9.89 -13.94 -0.21
N PHE B 158 -9.56 -15.15 0.27
CA PHE B 158 -8.18 -15.43 0.69
C PHE B 158 -7.61 -16.61 -0.09
N SER B 159 -6.36 -16.50 -0.54
CA SER B 159 -5.65 -17.71 -0.99
C SER B 159 -4.18 -17.61 -0.70
N ASP B 160 -3.57 -18.75 -0.31
CA ASP B 160 -2.12 -18.82 -0.20
C ASP B 160 -1.61 -20.07 -0.93
N ILE B 161 -0.31 -20.20 -0.96
CA ILE B 161 0.41 -21.29 -1.63
C ILE B 161 0.49 -22.48 -0.69
N LEU B 162 0.22 -23.68 -1.20
CA LEU B 162 0.18 -24.86 -0.32
C LEU B 162 1.61 -25.24 0.12
N ALA B 163 1.75 -25.65 1.37
CA ALA B 163 3.08 -25.98 1.92
C ALA B 163 4.11 -24.91 1.60
N PHE B 164 3.74 -23.65 1.67
CA PHE B 164 4.73 -22.63 1.37
C PHE B 164 5.92 -22.66 2.33
N SER B 165 5.75 -23.16 3.55
CA SER B 165 6.87 -23.18 4.48
CA SER B 165 6.87 -23.17 4.48
C SER B 165 7.93 -24.17 4.06
N THR B 166 7.56 -25.16 3.26
CA THR B 166 8.50 -26.15 2.79
C THR B 166 9.24 -25.66 1.56
N LEU B 167 8.53 -25.04 0.63
CA LEU B 167 9.21 -24.41 -0.50
C LEU B 167 10.20 -23.33 -0.02
N THR B 168 9.76 -22.45 0.89
CA THR B 168 10.73 -21.51 1.47
C THR B 168 11.91 -22.23 2.11
N GLU B 169 11.64 -23.29 2.87
CA GLU B 169 12.71 -23.95 3.59
C GLU B 169 13.80 -24.50 2.65
N LYS B 170 13.46 -24.77 1.40
CA LYS B 170 14.30 -25.56 0.50
C LYS B 170 14.70 -24.86 -0.81
N LEU B 171 13.82 -24.07 -1.43
CA LEU B 171 14.29 -23.37 -2.62
C LEU B 171 15.26 -22.25 -2.30
N PRO B 172 16.17 -21.95 -3.23
CA PRO B 172 16.98 -20.75 -3.08
C PRO B 172 16.04 -19.57 -3.02
N VAL B 173 16.54 -18.51 -2.39
CA VAL B 173 15.74 -17.29 -2.27
CA VAL B 173 15.74 -17.30 -2.28
C VAL B 173 15.17 -16.87 -3.64
N ASN B 174 15.99 -16.92 -4.70
CA ASN B 174 15.55 -16.30 -5.97
C ASN B 174 14.50 -17.14 -6.68
N GLU B 175 14.60 -18.45 -6.57
CA GLU B 175 13.54 -19.32 -7.06
C GLU B 175 12.24 -19.04 -6.30
N VAL B 176 12.36 -18.71 -5.02
CA VAL B 176 11.17 -18.44 -4.23
C VAL B 176 10.46 -17.20 -4.75
N VAL B 177 11.21 -16.15 -5.06
CA VAL B 177 10.63 -14.91 -5.64
C VAL B 177 9.91 -15.21 -6.95
N ILE B 178 10.57 -15.92 -7.85
CA ILE B 178 9.97 -16.21 -9.15
C ILE B 178 8.65 -16.89 -8.94
N LEU B 179 8.59 -17.79 -7.94
CA LEU B 179 7.39 -18.60 -7.72
C LEU B 179 6.24 -17.74 -7.18
N VAL B 180 6.47 -17.05 -6.06
CA VAL B 180 5.53 -16.05 -5.57
C VAL B 180 5.11 -15.06 -6.68
N ASN B 181 6.09 -14.46 -7.36
CA ASN B 181 5.74 -13.47 -8.39
C ASN B 181 4.76 -14.03 -9.40
N ARG B 182 4.99 -15.26 -9.86
CA ARG B 182 4.08 -15.84 -10.83
C ARG B 182 2.72 -16.14 -10.20
N TYR B 183 2.70 -16.50 -8.91
CA TYR B 183 1.43 -16.74 -8.22
C TYR B 183 0.62 -15.46 -8.08
N PHE B 184 1.27 -14.39 -7.63
CA PHE B 184 0.55 -13.13 -7.52
C PHE B 184 0.13 -12.63 -8.91
N SER B 185 0.99 -12.77 -9.91
CA SER B 185 0.61 -12.38 -11.26
CA SER B 185 0.64 -12.42 -11.28
C SER B 185 -0.66 -13.09 -11.69
N ILE B 186 -0.69 -14.43 -11.59
CA ILE B 186 -1.88 -15.16 -12.03
C ILE B 186 -3.09 -14.76 -11.20
N CYS B 187 -2.92 -14.66 -9.88
CA CYS B 187 -4.04 -14.35 -8.99
C CYS B 187 -4.63 -12.97 -9.28
N THR B 188 -3.78 -11.96 -9.45
CA THR B 188 -4.22 -10.60 -9.72
C THR B 188 -4.93 -10.47 -11.07
N ARG B 189 -4.35 -11.00 -12.13
CA ARG B 189 -4.96 -10.85 -13.44
C ARG B 189 -6.38 -11.39 -13.45
N ILE B 190 -6.60 -12.52 -12.80
CA ILE B 190 -7.87 -13.19 -12.92
C ILE B 190 -8.92 -12.48 -12.08
N ILE B 191 -8.66 -12.38 -10.78
CA ILE B 191 -9.41 -11.53 -9.87
C ILE B 191 -9.78 -10.20 -10.49
N SER B 192 -8.80 -9.52 -11.10
CA SER B 192 -9.14 -8.27 -11.79
C SER B 192 -10.04 -8.50 -12.98
N ALA B 193 -9.71 -9.48 -13.82
CA ALA B 193 -10.56 -9.72 -14.98
C ALA B 193 -12.00 -9.97 -14.55
N TYR B 194 -12.23 -10.53 -13.37
CA TYR B 194 -13.57 -10.96 -13.02
C TYR B 194 -14.36 -9.88 -12.26
N GLY B 195 -13.77 -8.68 -12.08
CA GLY B 195 -14.43 -7.59 -11.39
C GLY B 195 -13.95 -7.41 -9.97
N GLY B 196 -13.17 -8.33 -9.46
CA GLY B 196 -12.74 -8.23 -8.08
C GLY B 196 -11.67 -7.18 -7.94
N GLU B 197 -11.26 -6.97 -6.67
CA GLU B 197 -10.24 -6.01 -6.27
C GLU B 197 -9.32 -6.68 -5.26
N VAL B 198 -8.04 -6.70 -5.55
CA VAL B 198 -7.09 -7.24 -4.61
C VAL B 198 -6.82 -6.17 -3.58
N THR B 199 -6.87 -6.55 -2.30
CA THR B 199 -6.64 -5.62 -1.18
C THR B 199 -5.17 -5.56 -0.81
N LYS B 200 -4.53 -6.71 -0.62
CA LYS B 200 -3.07 -6.72 -0.51
C LYS B 200 -2.57 -8.16 -0.57
N PHE B 201 -1.25 -8.28 -0.59
CA PHE B 201 -0.53 -9.52 -0.33
C PHE B 201 -0.09 -9.57 1.12
N ILE B 202 -0.35 -10.68 1.76
CA ILE B 202 0.14 -10.86 3.11
C ILE B 202 1.04 -12.09 3.08
N GLY B 203 2.33 -11.90 2.95
CA GLY B 203 3.21 -13.07 2.85
C GLY B 203 2.97 -13.70 1.49
N ASP B 204 2.70 -15.02 1.48
CA ASP B 204 2.29 -15.69 0.24
C ASP B 204 0.81 -15.51 -0.05
N CYS B 205 0.05 -14.98 0.91
CA CYS B 205 -1.40 -14.93 0.81
CA CYS B 205 -1.39 -14.92 0.81
C CYS B 205 -1.87 -13.78 -0.08
N VAL B 206 -2.92 -14.04 -0.88
CA VAL B 206 -3.60 -12.99 -1.64
C VAL B 206 -4.94 -12.72 -0.95
N MET B 207 -5.20 -11.44 -0.67
CA MET B 207 -6.48 -11.03 -0.11
C MET B 207 -7.25 -10.20 -1.11
N ALA B 208 -8.53 -10.49 -1.26
CA ALA B 208 -9.30 -9.62 -2.12
C ALA B 208 -10.76 -9.66 -1.72
N SER B 209 -11.59 -9.02 -2.56
CA SER B 209 -13.00 -8.93 -2.24
C SER B 209 -13.83 -8.69 -3.52
N PHE B 210 -15.03 -9.22 -3.53
CA PHE B 210 -15.97 -8.96 -4.61
C PHE B 210 -17.21 -8.40 -3.94
N THR B 211 -18.10 -7.77 -4.71
CA THR B 211 -19.40 -7.31 -4.20
C THR B 211 -20.38 -8.48 -4.02
N LYS B 212 -21.54 -8.19 -3.44
CA LYS B 212 -22.49 -9.25 -3.21
C LYS B 212 -23.19 -9.69 -4.49
N GLU B 213 -23.15 -8.89 -5.56
CA GLU B 213 -23.71 -9.34 -6.82
C GLU B 213 -22.69 -10.20 -7.60
N GLN B 214 -21.51 -10.45 -7.04
CA GLN B 214 -20.45 -11.16 -7.76
C GLN B 214 -20.13 -12.55 -7.18
N GLY B 215 -21.14 -13.26 -6.69
CA GLY B 215 -20.85 -14.55 -6.09
C GLY B 215 -20.24 -15.45 -7.15
N ASP B 216 -20.95 -15.55 -8.26
CA ASP B 216 -20.53 -16.40 -9.34
C ASP B 216 -19.13 -16.04 -9.80
N ALA B 217 -18.82 -14.74 -9.90
CA ALA B 217 -17.49 -14.34 -10.35
C ALA B 217 -16.42 -14.73 -9.35
N ALA B 218 -16.75 -14.75 -8.07
CA ALA B 218 -15.77 -15.14 -7.07
C ALA B 218 -15.49 -16.63 -7.13
N ILE B 219 -16.49 -17.45 -7.40
CA ILE B 219 -16.22 -18.87 -7.58
CA ILE B 219 -16.21 -18.87 -7.57
C ILE B 219 -15.41 -19.11 -8.86
N ARG B 220 -15.89 -18.53 -9.99
CA ARG B 220 -15.19 -18.65 -11.26
C ARG B 220 -13.73 -18.20 -11.16
N THR B 221 -13.50 -17.07 -10.50
CA THR B 221 -12.15 -16.60 -10.21
C THR B 221 -11.33 -17.71 -9.57
N SER B 222 -11.79 -18.20 -8.43
CA SER B 222 -11.13 -19.29 -7.75
C SER B 222 -10.82 -20.43 -8.70
N LEU B 223 -11.84 -20.89 -9.42
CA LEU B 223 -11.69 -22.06 -10.28
C LEU B 223 -10.70 -21.78 -11.38
N ASP B 224 -10.65 -20.53 -11.86
CA ASP B 224 -9.66 -20.18 -12.86
C ASP B 224 -8.23 -20.15 -12.30
N ILE B 225 -8.02 -19.62 -11.08
CA ILE B 225 -6.69 -19.70 -10.45
CA ILE B 225 -6.67 -19.70 -10.51
C ILE B 225 -6.23 -21.14 -10.38
N ILE B 226 -7.05 -21.98 -9.72
CA ILE B 226 -6.70 -23.38 -9.58
C ILE B 226 -6.34 -23.98 -10.93
N SER B 227 -7.22 -23.79 -11.91
CA SER B 227 -6.97 -24.37 -13.22
C SER B 227 -5.70 -23.84 -13.84
N GLU B 228 -5.41 -22.54 -13.68
CA GLU B 228 -4.21 -22.02 -14.36
C GLU B 228 -2.95 -22.53 -13.69
N LEU B 229 -2.97 -22.72 -12.37
CA LEU B 229 -1.80 -23.32 -11.77
C LEU B 229 -1.68 -24.78 -12.15
N LYS B 230 -2.79 -25.46 -12.37
CA LYS B 230 -2.66 -26.86 -12.81
C LYS B 230 -1.98 -26.94 -14.17
N GLN B 231 -2.37 -26.05 -15.10
CA GLN B 231 -1.71 -26.06 -16.41
C GLN B 231 -0.23 -25.71 -16.31
N LEU B 232 0.12 -24.81 -15.43
CA LEU B 232 1.50 -24.41 -15.37
C LEU B 232 2.32 -25.58 -14.89
N ARG B 233 1.79 -26.34 -13.93
CA ARG B 233 2.55 -27.44 -13.36
C ARG B 233 2.95 -28.42 -14.43
N HIS B 234 2.05 -28.75 -15.36
CA HIS B 234 2.51 -29.69 -16.37
C HIS B 234 3.13 -29.01 -17.59
N HIS B 235 3.00 -27.69 -17.78
CA HIS B 235 3.73 -27.07 -18.89
C HIS B 235 5.23 -26.99 -18.62
N VAL B 236 5.66 -26.83 -17.34
CA VAL B 236 7.09 -26.68 -17.03
C VAL B 236 7.74 -28.05 -16.81
N GLU B 237 9.07 -28.09 -16.76
CA GLU B 237 9.83 -29.29 -16.45
C GLU B 237 9.84 -29.55 -14.94
N ALA B 238 10.23 -30.77 -14.56
CA ALA B 238 10.20 -31.18 -13.16
C ALA B 238 11.25 -30.49 -12.31
N THR B 239 12.33 -29.98 -12.91
CA THR B 239 13.29 -29.11 -12.23
C THR B 239 12.74 -27.71 -11.97
N ASN B 240 11.65 -27.33 -12.59
CA ASN B 240 11.08 -26.00 -12.36
C ASN B 240 10.26 -26.01 -11.10
N PRO B 241 10.50 -25.08 -10.17
CA PRO B 241 9.70 -25.01 -8.95
C PRO B 241 8.26 -24.76 -9.19
N LEU B 242 7.91 -24.02 -10.23
CA LEU B 242 6.48 -23.87 -10.51
C LEU B 242 5.78 -25.20 -10.61
N HIS B 243 6.52 -26.27 -10.90
CA HIS B 243 5.96 -27.59 -10.99
C HIS B 243 5.26 -27.99 -9.70
N LEU B 244 5.65 -27.35 -8.58
CA LEU B 244 5.19 -27.58 -7.21
C LEU B 244 4.17 -26.55 -6.69
N LEU B 245 3.72 -25.63 -7.49
CA LEU B 245 2.84 -24.58 -6.98
C LEU B 245 1.38 -25.05 -6.96
N TYR B 246 0.76 -25.14 -5.74
CA TYR B 246 -0.69 -25.35 -5.54
C TYR B 246 -1.27 -24.31 -4.60
N THR B 247 -2.56 -24.07 -4.69
CA THR B 247 -3.20 -23.12 -3.79
C THR B 247 -4.43 -23.71 -3.12
N GLY B 248 -4.89 -23.03 -2.07
CA GLY B 248 -6.21 -23.27 -1.52
C GLY B 248 -6.90 -21.91 -1.36
N ILE B 249 -8.21 -21.91 -1.50
CA ILE B 249 -8.96 -20.64 -1.59
C ILE B 249 -10.10 -20.64 -0.58
N GLY B 250 -10.26 -19.53 0.13
CA GLY B 250 -11.35 -19.36 1.09
C GLY B 250 -12.17 -18.15 0.71
N LEU B 251 -13.49 -18.24 0.90
CA LEU B 251 -14.41 -17.12 0.61
C LEU B 251 -15.41 -17.01 1.74
N SER B 252 -15.59 -15.80 2.26
CA SER B 252 -16.64 -15.54 3.23
C SER B 252 -17.50 -14.42 2.68
N TYR B 253 -18.60 -14.16 3.38
CA TYR B 253 -19.49 -13.05 3.01
C TYR B 253 -20.03 -12.41 4.28
N GLY B 254 -19.81 -11.11 4.41
CA GLY B 254 -20.28 -10.40 5.58
C GLY B 254 -20.05 -8.92 5.40
N HIS B 255 -20.47 -8.16 6.43
CA HIS B 255 -20.24 -6.72 6.46
C HIS B 255 -18.83 -6.42 6.89
N VAL B 256 -18.21 -5.47 6.21
CA VAL B 256 -16.88 -5.02 6.54
C VAL B 256 -16.84 -3.50 6.40
N ILE B 257 -16.20 -2.85 7.37
CA ILE B 257 -15.84 -1.46 7.19
C ILE B 257 -14.75 -1.42 6.13
N GLU B 258 -15.01 -0.76 5.02
CA GLU B 258 -14.05 -0.59 3.94
C GLU B 258 -13.50 0.82 3.91
N GLY B 259 -12.21 0.96 3.67
CA GLY B 259 -11.78 2.31 3.41
C GLY B 259 -10.37 2.59 3.87
N ASN B 260 -10.00 3.87 3.76
CA ASN B 260 -8.63 4.32 3.94
C ASN B 260 -8.43 4.69 5.41
N MET B 261 -7.39 4.13 6.00
CA MET B 261 -7.14 4.26 7.43
C MET B 261 -5.66 4.27 7.77
N GLY B 262 -5.38 4.92 8.91
CA GLY B 262 -4.01 5.18 9.31
C GLY B 262 -3.90 6.63 9.67
N SER B 263 -2.72 7.19 9.49
CA SER B 263 -2.41 8.56 9.90
C SER B 263 -1.76 9.24 8.72
N SER B 264 -1.49 10.54 8.83
CA SER B 264 -0.69 11.18 7.80
C SER B 264 0.64 10.48 7.58
N LEU B 265 1.16 9.76 8.60
CA LEU B 265 2.46 9.12 8.51
C LEU B 265 2.43 7.85 7.66
N LYS B 266 1.29 7.17 7.59
CA LYS B 266 1.16 5.97 6.82
C LYS B 266 -0.31 5.67 6.68
N MET B 267 -0.79 5.41 5.45
CA MET B 267 -2.18 5.03 5.22
C MET B 267 -2.25 3.69 4.54
N ASP B 268 -3.40 3.04 4.69
CA ASP B 268 -3.63 1.79 4.02
C ASP B 268 -5.10 1.73 3.66
N HIS B 269 -5.40 0.91 2.67
CA HIS B 269 -6.77 0.62 2.38
C HIS B 269 -7.04 -0.74 3.02
N THR B 270 -8.11 -0.81 3.81
CA THR B 270 -8.25 -1.98 4.64
C THR B 270 -9.72 -2.33 4.69
N LEU B 271 -9.96 -3.59 5.01
CA LEU B 271 -11.25 -4.13 5.35
C LEU B 271 -11.16 -4.61 6.78
N LEU B 272 -12.17 -4.26 7.58
CA LEU B 272 -12.27 -4.66 8.96
C LEU B 272 -13.56 -5.43 9.15
N GLY B 273 -13.46 -6.60 9.73
CA GLY B 273 -14.65 -7.32 10.13
C GLY B 273 -14.36 -8.78 10.24
N ASP B 274 -15.19 -9.46 11.02
CA ASP B 274 -15.03 -10.88 11.25
C ASP B 274 -14.93 -11.68 9.97
N ALA B 275 -15.64 -11.27 8.91
CA ALA B 275 -15.70 -12.12 7.73
C ALA B 275 -14.32 -12.30 7.11
N VAL B 276 -13.45 -11.29 7.22
CA VAL B 276 -12.07 -11.42 6.74
C VAL B 276 -11.43 -12.64 7.37
N ASN B 277 -11.58 -12.78 8.67
CA ASN B 277 -10.95 -13.89 9.37
C ASN B 277 -11.63 -15.21 9.05
N VAL B 278 -12.95 -15.20 8.84
CA VAL B 278 -13.63 -16.44 8.43
C VAL B 278 -13.09 -16.92 7.11
N ALA B 279 -12.70 -16.01 6.22
CA ALA B 279 -12.24 -16.43 4.92
C ALA B 279 -10.84 -17.03 5.01
N ALA B 280 -9.96 -16.37 5.79
CA ALA B 280 -8.63 -16.91 6.10
C ALA B 280 -8.72 -18.32 6.63
N ARG B 281 -9.67 -18.56 7.53
CA ARG B 281 -9.66 -19.89 8.11
C ARG B 281 -10.34 -20.92 7.22
N LEU B 282 -11.19 -20.51 6.29
CA LEU B 282 -11.68 -21.51 5.35
C LEU B 282 -10.59 -21.85 4.34
N GLU B 283 -9.79 -20.84 3.96
CA GLU B 283 -8.62 -21.13 3.13
CA GLU B 283 -8.59 -21.07 3.17
C GLU B 283 -7.74 -22.15 3.81
N ALA B 284 -7.41 -21.93 5.08
CA ALA B 284 -6.56 -22.88 5.79
C ALA B 284 -7.23 -24.22 5.93
N LEU B 285 -8.56 -24.23 5.92
CA LEU B 285 -9.24 -25.49 6.07
C LEU B 285 -9.13 -26.34 4.80
N THR B 286 -8.88 -25.72 3.64
CA THR B 286 -8.82 -26.53 2.43
C THR B 286 -7.67 -27.53 2.47
N ARG B 287 -6.66 -27.28 3.30
CA ARG B 287 -5.56 -28.23 3.46
C ARG B 287 -6.02 -29.59 3.95
N GLN B 288 -7.18 -29.67 4.59
CA GLN B 288 -7.63 -30.94 5.11
C GLN B 288 -8.82 -31.49 4.34
N LEU B 289 -9.14 -30.93 3.17
CA LEU B 289 -10.36 -31.31 2.49
C LEU B 289 -10.07 -31.76 1.07
N PRO B 290 -10.93 -32.59 0.48
CA PRO B 290 -10.72 -33.04 -0.90
C PRO B 290 -11.10 -32.01 -1.94
N TYR B 291 -11.12 -30.74 -1.56
CA TYR B 291 -11.40 -29.61 -2.43
C TYR B 291 -10.40 -28.51 -2.17
N ALA B 292 -10.02 -27.74 -3.20
CA ALA B 292 -9.16 -26.57 -2.97
C ALA B 292 -9.95 -25.28 -2.80
N LEU B 293 -11.26 -25.33 -2.64
CA LEU B 293 -12.04 -24.13 -2.40
C LEU B 293 -13.16 -24.39 -1.40
N ALA B 294 -13.35 -23.46 -0.47
CA ALA B 294 -14.37 -23.61 0.56
C ALA B 294 -14.96 -22.25 0.92
N PHE B 295 -16.24 -22.25 1.29
CA PHE B 295 -16.90 -20.97 1.51
C PHE B 295 -18.17 -21.22 2.28
N THR B 296 -18.81 -20.12 2.69
CA THR B 296 -19.88 -20.15 3.67
C THR B 296 -21.24 -20.12 3.00
N ALA B 297 -22.26 -20.47 3.76
CA ALA B 297 -23.61 -20.26 3.30
C ALA B 297 -23.80 -18.87 2.67
N GLY B 298 -23.27 -17.82 3.26
CA GLY B 298 -23.49 -16.48 2.71
C GLY B 298 -23.01 -16.32 1.27
N VAL B 299 -21.79 -16.74 0.97
CA VAL B 299 -21.33 -16.70 -0.41
C VAL B 299 -22.29 -17.49 -1.30
N LYS B 300 -22.79 -18.59 -0.79
CA LYS B 300 -23.64 -19.46 -1.55
C LYS B 300 -24.83 -18.68 -2.06
N LYS B 301 -25.33 -17.78 -1.25
CA LYS B 301 -26.48 -16.99 -1.60
C LYS B 301 -26.21 -15.81 -2.48
N CYS B 302 -24.96 -15.51 -2.77
CA CYS B 302 -24.68 -14.39 -3.65
C CYS B 302 -24.58 -14.88 -5.08
N CYS B 303 -24.79 -16.17 -5.26
CA CYS B 303 -24.64 -16.83 -6.55
C CYS B 303 -25.87 -17.02 -7.41
N GLN B 304 -25.76 -16.67 -8.68
CA GLN B 304 -26.91 -16.89 -9.57
C GLN B 304 -26.82 -18.15 -10.44
N ALA B 305 -25.60 -18.56 -10.80
CA ALA B 305 -25.36 -19.76 -11.57
C ALA B 305 -25.81 -21.01 -10.83
N GLN B 306 -26.25 -22.01 -11.61
CA GLN B 306 -26.77 -23.25 -11.05
CA GLN B 306 -26.77 -23.26 -11.05
C GLN B 306 -25.63 -24.23 -10.76
N TRP B 307 -24.84 -23.87 -9.75
CA TRP B 307 -23.75 -24.70 -9.30
C TRP B 307 -24.26 -25.97 -8.61
N THR B 308 -23.39 -26.95 -8.48
CA THR B 308 -23.72 -28.15 -7.71
C THR B 308 -22.97 -28.03 -6.38
N PHE B 309 -23.70 -27.60 -5.32
CA PHE B 309 -23.11 -27.23 -4.03
C PHE B 309 -22.96 -28.45 -3.14
N ILE B 310 -21.79 -28.65 -2.58
CA ILE B 310 -21.53 -29.78 -1.71
C ILE B 310 -21.43 -29.28 -0.29
N ASN B 311 -22.29 -29.78 0.58
CA ASN B 311 -22.21 -29.45 2.00
C ASN B 311 -21.00 -30.15 2.61
N LEU B 312 -19.99 -29.37 3.03
CA LEU B 312 -18.85 -29.96 3.72
C LEU B 312 -19.06 -30.15 5.21
N GLY B 313 -20.16 -29.68 5.79
CA GLY B 313 -20.38 -29.85 7.21
C GLY B 313 -19.99 -28.63 8.03
N ALA B 314 -20.33 -28.70 9.32
CA ALA B 314 -20.16 -27.57 10.23
C ALA B 314 -18.76 -27.58 10.82
N HIS B 315 -18.09 -26.43 10.74
CA HIS B 315 -16.76 -26.25 11.28
C HIS B 315 -16.75 -25.00 12.13
N GLN B 316 -16.21 -25.11 13.36
CA GLN B 316 -16.16 -23.95 14.23
C GLN B 316 -14.92 -23.11 13.94
N VAL B 317 -14.99 -21.85 14.37
CA VAL B 317 -14.06 -20.84 13.91
C VAL B 317 -13.83 -19.75 15.00
N GLU B 322 -22.05 -20.28 16.70
CA GLU B 322 -20.62 -20.01 16.52
C GLU B 322 -20.02 -20.88 15.39
N ALA B 323 -20.53 -22.11 15.28
CA ALA B 323 -20.10 -22.99 14.20
C ALA B 323 -20.73 -22.55 12.87
N ILE B 324 -19.99 -22.73 11.78
CA ILE B 324 -20.43 -22.26 10.49
C ILE B 324 -20.46 -23.44 9.51
N GLU B 325 -21.60 -23.60 8.83
CA GLU B 325 -21.70 -24.60 7.76
C GLU B 325 -20.80 -24.19 6.61
N VAL B 326 -20.16 -25.19 6.01
CA VAL B 326 -19.11 -24.97 5.00
C VAL B 326 -19.52 -25.69 3.72
N TYR B 327 -19.27 -25.03 2.57
CA TYR B 327 -19.73 -25.53 1.28
C TYR B 327 -18.61 -25.49 0.26
N THR B 328 -18.74 -26.30 -0.80
CA THR B 328 -17.88 -26.12 -1.94
C THR B 328 -18.68 -26.43 -3.20
N VAL B 329 -18.00 -26.40 -4.34
CA VAL B 329 -18.64 -26.86 -5.57
C VAL B 329 -17.82 -28.02 -6.13
N ASN B 330 -18.57 -28.95 -6.69
CA ASN B 330 -18.07 -30.06 -7.46
C ASN B 330 -16.79 -29.80 -8.24
N GLU B 331 -16.71 -28.66 -8.94
CA GLU B 331 -15.61 -28.46 -9.87
C GLU B 331 -14.29 -28.28 -9.17
N ALA B 332 -14.32 -28.13 -7.86
CA ALA B 332 -13.13 -27.87 -7.07
C ALA B 332 -12.51 -29.12 -6.49
N GLN B 333 -13.00 -30.29 -6.86
CA GLN B 333 -12.44 -31.51 -6.33
C GLN B 333 -10.96 -31.55 -6.63
N LYS B 334 -10.17 -32.05 -5.68
CA LYS B 334 -8.74 -32.21 -5.87
C LYS B 334 -8.47 -33.57 -6.49
N TYR B 335 -7.83 -33.58 -7.67
CA TYR B 335 -7.43 -34.85 -8.28
C TYR B 335 -6.27 -35.49 -7.53
N TYR B 336 -5.71 -34.79 -6.54
CA TYR B 336 -4.55 -35.24 -5.78
C TYR B 336 -4.93 -35.42 -4.32
N ASP B 337 -4.04 -36.09 -3.60
CA ASP B 337 -4.10 -36.12 -2.13
C ASP B 337 -3.23 -34.97 -1.62
N THR B 338 -3.78 -34.14 -0.72
CA THR B 338 -3.10 -32.91 -0.33
C THR B 338 -1.85 -33.17 0.51
N LEU B 339 -1.98 -33.85 1.66
CA LEU B 339 -0.78 -34.00 2.50
C LEU B 339 0.21 -34.97 1.87
N GLN B 340 -0.17 -35.64 0.78
CA GLN B 340 0.84 -36.35 -0.01
C GLN B 340 1.68 -35.36 -0.79
N ILE B 341 1.06 -34.29 -1.27
CA ILE B 341 1.81 -33.32 -2.07
C ILE B 341 2.92 -32.70 -1.25
N THR B 342 2.63 -32.34 0.01
CA THR B 342 3.66 -31.69 0.80
C THR B 342 4.79 -32.66 1.12
N GLN B 343 4.51 -33.97 1.11
CA GLN B 343 5.56 -34.98 1.16
C GLN B 343 6.25 -35.09 -0.20
N LEU B 344 5.50 -34.87 -1.30
CA LEU B 344 6.10 -34.78 -2.63
C LEU B 344 7.08 -33.60 -2.71
N ILE B 345 6.56 -32.41 -2.44
CA ILE B 345 7.38 -31.21 -2.43
C ILE B 345 8.65 -31.47 -1.64
N ARG B 346 8.49 -32.09 -0.47
CA ARG B 346 9.65 -32.24 0.42
C ARG B 346 10.71 -33.16 -0.17
N GLN B 347 10.29 -34.31 -0.68
CA GLN B 347 11.26 -35.22 -1.30
C GLN B 347 11.95 -34.56 -2.47
N THR B 348 11.16 -34.13 -3.46
CA THR B 348 11.64 -33.40 -4.63
C THR B 348 12.79 -32.44 -4.30
N LEU B 349 12.59 -31.54 -3.34
CA LEU B 349 13.59 -30.53 -3.00
C LEU B 349 14.71 -31.03 -2.08
N GLU B 350 14.93 -32.33 -1.97
CA GLU B 350 16.06 -32.80 -1.19
C GLU B 350 16.54 -34.19 -1.57
N1 FMN C . 19.76 27.45 2.43
C2 FMN C . 20.85 27.50 1.58
O2 FMN C . 21.97 27.83 2.01
N3 FMN C . 20.68 27.13 0.25
C4 FMN C . 19.42 26.75 -0.21
O4 FMN C . 19.28 26.46 -1.39
C4A FMN C . 18.34 26.73 0.67
N5 FMN C . 17.11 26.35 0.20
C5A FMN C . 16.01 26.31 1.04
C6 FMN C . 14.78 25.90 0.52
C7 FMN C . 13.67 25.87 1.34
C7M FMN C . 12.32 25.45 0.77
C8 FMN C . 13.79 26.22 2.69
C8M FMN C . 12.57 26.16 3.58
C9 FMN C . 15.02 26.63 3.20
C9A FMN C . 16.15 26.67 2.37
N10 FMN C . 17.39 27.06 2.87
C10 FMN C . 18.50 27.07 2.01
C1' FMN C . 17.45 27.37 4.35
C2' FMN C . 18.57 28.20 4.99
O2' FMN C . 19.84 27.80 4.56
C3' FMN C . 18.47 28.16 6.52
O3' FMN C . 17.83 29.34 6.91
C4' FMN C . 19.81 28.10 7.24
O4' FMN C . 19.60 27.91 8.63
C5' FMN C . 20.67 29.34 7.02
O5' FMN C . 22.02 29.01 7.16
P FMN C . 22.89 29.63 8.37
O1P FMN C . 22.19 29.32 9.67
O2P FMN C . 24.24 28.96 8.28
O3P FMN C . 23.00 31.13 8.22
#